data_7TUN
#
_entry.id   7TUN
#
_cell.length_a   101.240
_cell.length_b   101.240
_cell.length_c   160.870
_cell.angle_alpha   90.000
_cell.angle_beta   90.000
_cell.angle_gamma   90.000
#
_symmetry.space_group_name_H-M   'P 43 21 2'
#
loop_
_entity.id
_entity.type
_entity.pdbx_description
1 polymer 'Creatine kinase B-type'
2 non-polymer (2S)-4-(chloroacetyl)-3,4-dihydro-2H-1,4-benzoxazine-2-carboxamide
3 water water
#
_entity_poly.entity_id   1
_entity_poly.type   'polypeptide(L)'
_entity_poly.pdbx_seq_one_letter_code
;MGSSHHHHHHSSGENLYFQGMPFSNSHNALKLRFPAEDEFPDLSAHNNHMAKVLTPELYAELRAKSTPSGFTLDDVIQTG
VDNPGHPYIMTVGCVAGDEESYEVFKDLFDPIIEDRHGGYKPSDEHKTDLNPDNLQGGDDLDPNYVLSSRVRTGRSIRGF
CLPPHCSRGERRAIEKLAVEALSSLDGDLAGRYYALKSMTEAEQQQLIDDHFLFDKPVSPLLLASGMARDWPDARGIWHN
DNKTFLVWVNEEDHLRVISMQKGGNMKEVFTRFCTGLTQIETLFKSKDYEFMWNPHLGYILTCPSNLGTGLRAGVHIKLP
NLGKHEKFSEVLKRLRLQKRGTGGVDTAAVGGVFDVSNADRLGFSEVELVQMVVDGVKLLIEMEQRLEQGQAIDDLMPAQ
K
;
_entity_poly.pdbx_strand_id   A,B
#
# COMPACT_ATOMS: atom_id res chain seq x y z
N ASN A 25 14.95 6.43 -16.64
CA ASN A 25 14.11 5.27 -16.37
C ASN A 25 13.42 4.76 -17.63
N SER A 26 13.63 3.48 -17.94
CA SER A 26 13.01 2.90 -19.13
C SER A 26 11.49 2.87 -19.04
N HIS A 27 10.94 2.74 -17.83
CA HIS A 27 9.49 2.64 -17.69
C HIS A 27 8.79 3.92 -18.09
N ASN A 28 9.33 5.07 -17.68
CA ASN A 28 8.71 6.33 -18.08
C ASN A 28 8.79 6.53 -19.58
N ALA A 29 9.86 6.05 -20.21
CA ALA A 29 9.95 6.10 -21.68
C ALA A 29 8.89 5.21 -22.32
N LEU A 30 8.74 3.98 -21.82
CA LEU A 30 7.67 3.10 -22.32
C LEU A 30 6.31 3.79 -22.18
N LYS A 31 6.08 4.47 -21.06
CA LYS A 31 4.83 5.23 -20.92
C LYS A 31 4.75 6.32 -21.98
N LEU A 32 5.86 7.01 -22.23
CA LEU A 32 5.91 8.05 -23.26
C LEU A 32 5.60 7.50 -24.65
N ARG A 33 5.79 6.20 -24.85
CA ARG A 33 5.36 5.57 -26.10
C ARG A 33 3.87 5.64 -26.31
N PHE A 34 3.05 5.78 -25.19
CA PHE A 34 1.60 5.90 -25.23
C PHE A 34 1.18 7.35 -25.40
N PRO A 35 0.05 7.61 -26.06
CA PRO A 35 -0.49 8.97 -26.05
C PRO A 35 -0.75 9.43 -24.62
N ALA A 36 -0.46 10.70 -24.36
CA ALA A 36 -0.57 11.24 -23.01
C ALA A 36 -1.96 10.98 -22.43
N GLU A 37 -3.00 11.28 -23.21
CA GLU A 37 -4.36 11.01 -22.76
C GLU A 37 -4.55 9.55 -22.39
N ASP A 38 -3.87 8.64 -23.08
CA ASP A 38 -4.00 7.22 -22.79
C ASP A 38 -3.36 6.85 -21.46
N GLU A 39 -2.48 7.69 -20.92
CA GLU A 39 -1.91 7.48 -19.60
C GLU A 39 -2.49 8.43 -18.56
N PHE A 40 -3.35 9.35 -18.96
CA PHE A 40 -3.94 10.31 -18.03
C PHE A 40 -4.88 9.59 -17.07
N PRO A 41 -4.72 9.78 -15.76
CA PRO A 41 -5.60 9.10 -14.82
C PRO A 41 -7.02 9.59 -14.92
N ASP A 42 -7.96 8.71 -14.57
CA ASP A 42 -9.38 9.06 -14.55
C ASP A 42 -9.70 9.68 -13.20
N LEU A 43 -9.63 11.01 -13.14
CA LEU A 43 -9.89 11.77 -11.93
C LEU A 43 -11.27 12.42 -11.94
N SER A 44 -12.26 11.73 -12.52
CA SER A 44 -13.60 12.31 -12.64
C SER A 44 -14.21 12.60 -11.27
N ALA A 45 -14.40 11.55 -10.46
CA ALA A 45 -15.08 11.69 -9.19
C ALA A 45 -14.13 12.00 -8.03
N HIS A 46 -12.96 12.57 -8.32
CA HIS A 46 -11.99 12.88 -7.29
C HIS A 46 -12.22 14.28 -6.73
N ASN A 47 -11.86 14.48 -5.47
CA ASN A 47 -12.06 15.75 -4.80
C ASN A 47 -10.80 16.21 -4.09
N ASN A 48 -9.64 15.86 -4.61
CA ASN A 48 -8.38 16.36 -4.08
C ASN A 48 -7.89 17.52 -4.93
N HIS A 49 -6.89 18.23 -4.40
CA HIS A 49 -6.36 19.39 -5.10
C HIS A 49 -5.62 19.00 -6.37
N MET A 50 -4.93 17.85 -6.35
CA MET A 50 -4.26 17.39 -7.56
C MET A 50 -5.26 17.18 -8.69
N ALA A 51 -6.39 16.53 -8.38
CA ALA A 51 -7.40 16.32 -9.41
C ALA A 51 -7.99 17.64 -9.89
N LYS A 52 -7.98 18.66 -9.04
CA LYS A 52 -8.47 19.96 -9.45
C LYS A 52 -7.45 20.76 -10.25
N VAL A 53 -6.17 20.41 -10.17
CA VAL A 53 -5.15 21.19 -10.85
C VAL A 53 -4.66 20.45 -12.09
N LEU A 54 -4.66 19.12 -12.06
CA LEU A 54 -4.07 18.33 -13.14
C LEU A 54 -4.98 18.36 -14.34
N THR A 55 -4.68 19.24 -15.29
CA THR A 55 -5.29 19.19 -16.60
C THR A 55 -4.59 18.14 -17.47
N PRO A 56 -5.28 17.58 -18.46
CA PRO A 56 -4.60 16.65 -19.40
C PRO A 56 -3.41 17.29 -20.09
N GLU A 57 -3.42 18.61 -20.26
CA GLU A 57 -2.30 19.31 -20.86
C GLU A 57 -1.09 19.32 -19.94
N LEU A 58 -1.31 19.61 -18.65
CA LEU A 58 -0.21 19.59 -17.69
C LEU A 58 0.45 18.22 -17.66
N TYR A 59 -0.36 17.16 -17.68
CA TYR A 59 0.19 15.81 -17.70
C TYR A 59 1.08 15.60 -18.92
N ALA A 60 0.64 16.06 -20.09
CA ALA A 60 1.46 15.93 -21.28
C ALA A 60 2.78 16.68 -21.13
N GLU A 61 2.74 17.89 -20.58
CA GLU A 61 3.96 18.68 -20.48
C GLU A 61 4.94 18.09 -19.47
N LEU A 62 4.44 17.50 -18.38
CA LEU A 62 5.31 17.06 -17.29
C LEU A 62 5.49 15.55 -17.19
N ARG A 63 4.71 14.76 -17.90
CA ARG A 63 4.75 13.31 -17.76
C ARG A 63 6.07 12.75 -18.25
N ALA A 64 6.94 13.60 -18.77
CA ALA A 64 8.26 13.15 -19.15
C ALA A 64 9.35 13.59 -18.18
N LYS A 65 9.11 14.63 -17.39
CA LYS A 65 10.14 15.16 -16.49
C LYS A 65 10.42 14.18 -15.36
N SER A 66 11.63 14.28 -14.81
CA SER A 66 12.06 13.40 -13.72
C SER A 66 13.03 14.15 -12.82
N THR A 67 13.17 13.65 -11.61
CA THR A 67 14.11 14.24 -10.67
C THR A 67 15.40 13.46 -10.67
N PRO A 68 16.47 14.03 -10.11
CA PRO A 68 17.73 13.29 -10.03
C PRO A 68 17.59 11.92 -9.36
N SER A 69 16.74 11.82 -8.34
CA SER A 69 16.50 10.54 -7.71
C SER A 69 15.61 9.63 -8.56
N GLY A 70 15.01 10.13 -9.63
CA GLY A 70 14.14 9.35 -10.47
C GLY A 70 12.65 9.50 -10.22
N PHE A 71 12.23 10.57 -9.53
CA PHE A 71 10.84 10.76 -9.20
C PHE A 71 10.09 11.38 -10.37
N THR A 72 9.02 10.74 -10.80
CA THR A 72 8.24 11.18 -11.94
C THR A 72 6.92 11.80 -11.47
N LEU A 73 6.21 12.41 -12.42
CA LEU A 73 4.91 13.01 -12.11
C LEU A 73 3.91 11.94 -11.66
N ASP A 74 3.95 10.77 -12.29
CA ASP A 74 3.09 9.67 -11.85
C ASP A 74 3.41 9.27 -10.41
N ASP A 75 4.70 9.23 -10.07
CA ASP A 75 5.08 8.95 -8.69
C ASP A 75 4.60 10.04 -7.74
N VAL A 76 4.35 11.24 -8.27
CA VAL A 76 3.88 12.34 -7.44
C VAL A 76 2.37 12.27 -7.23
N ILE A 77 1.63 11.80 -8.24
CA ILE A 77 0.17 11.89 -8.24
C ILE A 77 -0.51 10.54 -8.06
N GLN A 78 0.26 9.47 -7.85
CA GLN A 78 -0.37 8.16 -7.69
C GLN A 78 -1.34 8.16 -6.52
N THR A 79 -0.93 8.71 -5.39
CA THR A 79 -1.80 8.69 -4.21
C THR A 79 -3.09 9.44 -4.49
N GLY A 80 -3.00 10.61 -5.13
CA GLY A 80 -4.20 11.32 -5.49
C GLY A 80 -5.08 10.53 -6.44
N VAL A 81 -4.48 9.75 -7.33
CA VAL A 81 -5.27 8.94 -8.26
C VAL A 81 -6.01 7.84 -7.50
N ASP A 82 -5.34 7.18 -6.58
CA ASP A 82 -5.93 6.05 -5.86
C ASP A 82 -6.89 6.47 -4.75
N ASN A 83 -6.81 7.71 -4.28
CA ASN A 83 -7.45 8.12 -3.04
C ASN A 83 -8.30 9.35 -3.34
N PRO A 84 -9.55 9.16 -3.76
CA PRO A 84 -10.38 10.28 -4.23
C PRO A 84 -10.60 11.37 -3.20
N GLY A 85 -11.13 11.01 -2.03
CA GLY A 85 -11.40 11.99 -0.99
C GLY A 85 -12.85 12.40 -0.94
N HIS A 86 -13.09 13.37 -0.07
CA HIS A 86 -14.40 13.92 0.23
C HIS A 86 -14.41 15.40 -0.14
N PRO A 87 -15.52 15.93 -0.67
CA PRO A 87 -15.56 17.37 -0.96
C PRO A 87 -15.40 18.22 0.29
N TYR A 88 -15.91 17.75 1.44
CA TYR A 88 -15.71 18.46 2.69
C TYR A 88 -14.25 18.47 3.07
N ILE A 89 -13.61 17.31 3.10
CA ILE A 89 -12.20 17.20 3.48
C ILE A 89 -11.41 17.01 2.19
N MET A 90 -10.84 18.11 1.70
CA MET A 90 -10.07 18.08 0.46
C MET A 90 -8.62 17.76 0.79
N THR A 91 -8.19 16.54 0.46
CA THR A 91 -6.79 16.18 0.59
C THR A 91 -5.98 16.83 -0.53
N VAL A 92 -4.67 16.98 -0.27
CA VAL A 92 -3.80 17.62 -1.25
C VAL A 92 -3.74 16.80 -2.55
N GLY A 93 -3.60 15.48 -2.43
CA GLY A 93 -3.64 14.60 -3.59
C GLY A 93 -2.30 14.26 -4.20
N CYS A 94 -1.18 14.70 -3.61
CA CYS A 94 0.13 14.44 -4.17
C CYS A 94 1.16 14.48 -3.04
N VAL A 95 2.34 13.93 -3.31
CA VAL A 95 3.46 13.93 -2.39
C VAL A 95 4.73 14.21 -3.16
N ALA A 96 5.80 14.49 -2.42
CA ALA A 96 7.11 14.75 -2.99
C ALA A 96 8.06 13.62 -2.64
N GLY A 97 8.93 13.27 -3.59
CA GLY A 97 9.89 12.20 -3.36
C GLY A 97 11.26 12.72 -2.96
N ASP A 98 11.49 14.01 -3.17
CA ASP A 98 12.77 14.62 -2.85
C ASP A 98 12.59 16.12 -2.93
N GLU A 99 13.65 16.86 -2.56
CA GLU A 99 13.57 18.31 -2.61
C GLU A 99 13.29 18.80 -4.03
N GLU A 100 14.06 18.30 -5.00
CA GLU A 100 13.90 18.73 -6.39
C GLU A 100 12.50 18.50 -6.91
N SER A 101 11.75 17.56 -6.30
CA SER A 101 10.38 17.31 -6.73
C SER A 101 9.57 18.58 -6.76
N TYR A 102 9.82 19.49 -5.81
CA TYR A 102 9.00 20.69 -5.73
C TYR A 102 9.29 21.68 -6.85
N GLU A 103 10.47 21.60 -7.46
CA GLU A 103 10.79 22.46 -8.59
C GLU A 103 10.60 21.79 -9.94
N VAL A 104 10.99 20.51 -10.05
CA VAL A 104 10.79 19.78 -11.29
C VAL A 104 9.31 19.78 -11.67
N PHE A 105 8.43 19.56 -10.70
CA PHE A 105 7.00 19.56 -10.93
C PHE A 105 6.32 20.76 -10.28
N LYS A 106 7.02 21.89 -10.24
CA LYS A 106 6.42 23.09 -9.65
C LYS A 106 5.19 23.53 -10.42
N ASP A 107 5.20 23.36 -11.75
CA ASP A 107 4.03 23.76 -12.53
C ASP A 107 2.77 23.04 -12.09
N LEU A 108 2.89 21.99 -11.30
CA LEU A 108 1.76 21.30 -10.68
C LEU A 108 1.62 21.65 -9.21
N PHE A 109 2.72 21.63 -8.46
CA PHE A 109 2.66 21.86 -7.02
C PHE A 109 2.20 23.28 -6.70
N ASP A 110 2.72 24.26 -7.43
CA ASP A 110 2.42 25.65 -7.11
C ASP A 110 0.93 25.96 -7.12
N PRO A 111 0.15 25.58 -8.15
CA PRO A 111 -1.29 25.86 -8.08
C PRO A 111 -1.96 25.20 -6.90
N ILE A 112 -1.60 23.94 -6.60
CA ILE A 112 -2.22 23.26 -5.46
C ILE A 112 -1.82 23.94 -4.16
N ILE A 113 -0.58 24.44 -4.08
CA ILE A 113 -0.16 25.17 -2.88
C ILE A 113 -0.96 26.46 -2.75
N GLU A 114 -1.16 27.16 -3.86
CA GLU A 114 -1.99 28.35 -3.82
C GLU A 114 -3.40 28.02 -3.36
N ASP A 115 -3.92 26.86 -3.77
CA ASP A 115 -5.29 26.50 -3.45
C ASP A 115 -5.46 25.99 -2.03
N ARG A 116 -4.43 25.37 -1.46
CA ARG A 116 -4.54 24.76 -0.15
C ARG A 116 -3.93 25.62 0.96
N HIS A 117 -3.19 26.66 0.61
CA HIS A 117 -2.57 27.52 1.62
C HIS A 117 -3.02 28.96 1.45
N GLY A 118 -4.33 29.15 1.26
CA GLY A 118 -4.89 30.49 1.26
C GLY A 118 -4.36 31.40 0.18
N GLY A 119 -4.18 30.88 -1.03
CA GLY A 119 -3.73 31.73 -2.12
C GLY A 119 -2.26 32.07 -2.08
N TYR A 120 -1.44 31.28 -1.40
CA TYR A 120 -0.01 31.51 -1.41
C TYR A 120 0.49 31.49 -2.84
N LYS A 121 0.88 32.66 -3.35
CA LYS A 121 1.29 32.80 -4.73
C LYS A 121 2.69 32.23 -4.94
N PRO A 122 3.03 31.87 -6.17
CA PRO A 122 4.38 31.32 -6.41
C PRO A 122 5.48 32.29 -6.05
N SER A 123 5.24 33.59 -6.12
CA SER A 123 6.24 34.59 -5.78
C SER A 123 6.21 35.03 -4.33
N ASP A 124 5.33 34.45 -3.50
CA ASP A 124 5.25 34.81 -2.09
C ASP A 124 6.47 34.28 -1.34
N GLU A 125 6.73 34.86 -0.16
CA GLU A 125 7.86 34.48 0.68
C GLU A 125 7.37 33.98 2.03
N HIS A 126 8.00 32.92 2.52
CA HIS A 126 7.70 32.38 3.84
C HIS A 126 8.79 32.80 4.81
N LYS A 127 8.39 33.40 5.91
CA LYS A 127 9.33 33.80 6.96
C LYS A 127 9.21 32.81 8.11
N THR A 128 10.35 32.34 8.58
CA THR A 128 10.41 31.40 9.69
C THR A 128 10.98 32.11 10.91
N ASP A 129 10.20 32.16 11.98
CA ASP A 129 10.64 32.77 13.24
C ASP A 129 10.59 31.72 14.34
N LEU A 130 11.73 31.45 14.95
CA LEU A 130 11.82 30.47 16.02
C LEU A 130 12.45 31.06 17.27
N ASN A 131 12.25 32.36 17.49
CA ASN A 131 12.71 33.00 18.71
C ASN A 131 11.56 33.01 19.70
N PRO A 132 11.57 32.16 20.73
CA PRO A 132 10.43 32.13 21.66
C PRO A 132 10.18 33.47 22.34
N ASP A 133 11.20 34.31 22.50
CA ASP A 133 11.00 35.61 23.15
C ASP A 133 10.05 36.51 22.37
N ASN A 134 9.81 36.21 21.09
CA ASN A 134 8.93 37.02 20.26
C ASN A 134 7.45 36.69 20.44
N LEU A 135 7.13 35.65 21.22
CA LEU A 135 5.75 35.32 21.53
C LEU A 135 5.32 36.09 22.78
N GLN A 136 4.14 36.69 22.73
CA GLN A 136 3.61 37.50 23.82
C GLN A 136 2.71 36.64 24.71
N GLY A 137 3.02 36.59 26.00
CA GLY A 137 2.18 35.83 26.89
C GLY A 137 2.19 34.34 26.55
N GLY A 138 1.09 33.66 26.90
CA GLY A 138 0.97 32.24 26.67
C GLY A 138 1.53 31.36 27.76
N ASP A 139 1.98 31.94 28.88
CA ASP A 139 2.52 31.17 29.98
C ASP A 139 1.45 30.64 30.92
N ASP A 140 0.33 31.34 31.04
CA ASP A 140 -0.76 30.96 31.94
C ASP A 140 -2.06 30.94 31.15
N LEU A 141 -2.34 29.81 30.51
CA LEU A 141 -3.67 29.54 30.00
C LEU A 141 -4.46 28.85 31.10
N ASP A 142 -5.75 29.21 31.22
CA ASP A 142 -6.57 28.73 32.33
C ASP A 142 -6.41 27.23 32.49
N PRO A 143 -5.74 26.77 33.56
CA PRO A 143 -5.54 25.33 33.73
C PRO A 143 -6.84 24.58 33.91
N ASN A 144 -7.92 25.26 34.29
CA ASN A 144 -9.21 24.60 34.44
C ASN A 144 -9.86 24.28 33.10
N TYR A 145 -9.30 24.74 31.99
CA TYR A 145 -9.81 24.44 30.66
C TYR A 145 -8.78 23.82 29.73
N VAL A 146 -7.53 24.29 29.78
CA VAL A 146 -6.46 23.74 28.94
C VAL A 146 -5.76 22.64 29.72
N LEU A 147 -5.85 21.41 29.23
CA LEU A 147 -5.28 20.25 29.90
C LEU A 147 -3.87 19.95 29.43
N SER A 148 -3.58 20.16 28.15
CA SER A 148 -2.27 19.89 27.59
C SER A 148 -1.95 20.91 26.51
N SER A 149 -0.66 21.11 26.27
CA SER A 149 -0.19 22.01 25.22
C SER A 149 0.94 21.31 24.46
N ARG A 150 0.80 21.25 23.12
CA ARG A 150 1.73 20.51 22.28
C ARG A 150 2.00 21.28 20.98
N VAL A 151 3.27 21.32 20.58
CA VAL A 151 3.71 21.90 19.32
C VAL A 151 4.45 20.84 18.54
N ARG A 152 4.00 20.59 17.30
CA ARG A 152 4.55 19.52 16.47
C ARG A 152 4.99 20.08 15.13
N THR A 153 5.99 19.44 14.54
CA THR A 153 6.51 19.83 13.25
C THR A 153 7.29 18.66 12.65
N GLY A 154 7.82 18.87 11.45
CA GLY A 154 8.63 17.88 10.80
C GLY A 154 9.84 18.52 10.15
N ARG A 155 10.84 17.69 9.88
CA ARG A 155 12.07 18.13 9.25
C ARG A 155 12.56 17.06 8.28
N SER A 156 13.15 17.52 7.19
CA SER A 156 13.76 16.66 6.20
C SER A 156 15.23 17.03 6.10
N ILE A 157 16.10 16.02 6.12
CA ILE A 157 17.54 16.24 6.04
C ILE A 157 17.96 16.34 4.58
N ARG A 158 18.64 17.43 4.22
CA ARG A 158 19.02 17.66 2.84
C ARG A 158 19.98 16.58 2.35
N GLY A 159 19.82 16.18 1.08
CA GLY A 159 20.65 15.17 0.47
C GLY A 159 20.06 13.77 0.44
N PHE A 160 18.92 13.56 1.09
CA PHE A 160 18.27 12.26 1.10
C PHE A 160 16.87 12.39 0.51
N CYS A 161 16.41 11.31 -0.12
CA CYS A 161 15.05 11.26 -0.63
C CYS A 161 14.06 11.15 0.53
N LEU A 162 12.83 11.61 0.29
CA LEU A 162 11.79 11.60 1.30
C LEU A 162 11.22 10.19 1.48
N PRO A 163 10.46 9.96 2.54
CA PRO A 163 10.06 8.59 2.90
C PRO A 163 9.39 7.84 1.77
N PRO A 164 8.57 8.51 0.95
CA PRO A 164 7.93 7.80 -0.17
C PRO A 164 8.94 7.26 -1.17
N HIS A 165 10.13 7.84 -1.26
CA HIS A 165 11.11 7.45 -2.27
C HIS A 165 12.46 7.03 -1.69
N CYS A 166 12.69 7.21 -0.41
CA CYS A 166 14.00 6.91 0.15
C CYS A 166 14.28 5.41 0.10
N SER A 167 15.57 5.06 0.15
CA SER A 167 16.01 3.68 0.09
C SER A 167 16.44 3.18 1.47
N ARG A 168 16.55 1.85 1.59
CA ARG A 168 16.99 1.25 2.84
C ARG A 168 18.32 1.84 3.28
N GLY A 169 19.28 1.93 2.36
CA GLY A 169 20.57 2.53 2.71
C GLY A 169 20.42 3.97 3.17
N GLU A 170 19.67 4.77 2.40
CA GLU A 170 19.37 6.15 2.81
C GLU A 170 18.74 6.17 4.20
N ARG A 171 17.61 5.49 4.34
CA ARG A 171 16.87 5.48 5.60
C ARG A 171 17.77 5.14 6.77
N ARG A 172 18.57 4.08 6.61
CA ARG A 172 19.48 3.69 7.67
C ARG A 172 20.47 4.80 7.97
N ALA A 173 20.93 5.49 6.93
CA ALA A 173 21.84 6.62 7.14
C ALA A 173 21.19 7.70 8.00
N ILE A 174 19.97 8.13 7.62
CA ILE A 174 19.33 9.20 8.38
C ILE A 174 19.12 8.74 9.81
N GLU A 175 18.71 7.49 10.01
CA GLU A 175 18.52 7.02 11.38
C GLU A 175 19.83 7.14 12.16
N LYS A 176 20.95 6.75 11.55
CA LYS A 176 22.22 6.82 12.25
C LYS A 176 22.53 8.25 12.68
N LEU A 177 22.42 9.20 11.75
CA LEU A 177 22.83 10.56 12.10
C LEU A 177 21.86 11.17 13.11
N ALA A 178 20.56 10.93 12.93
CA ALA A 178 19.57 11.46 13.87
C ALA A 178 19.78 10.89 15.26
N VAL A 179 20.04 9.58 15.37
CA VAL A 179 20.21 8.98 16.68
C VAL A 179 21.45 9.53 17.35
N GLU A 180 22.52 9.74 16.58
CA GLU A 180 23.72 10.36 17.14
C GLU A 180 23.41 11.75 17.70
N ALA A 181 22.71 12.57 16.90
CA ALA A 181 22.39 13.93 17.32
C ALA A 181 21.53 13.92 18.58
N LEU A 182 20.50 13.08 18.62
CA LEU A 182 19.66 12.99 19.81
C LEU A 182 20.45 12.51 21.02
N SER A 183 21.28 11.49 20.83
CA SER A 183 22.10 11.01 21.94
C SER A 183 23.05 12.09 22.44
N SER A 184 23.32 13.10 21.62
CA SER A 184 24.14 14.21 22.11
C SER A 184 23.34 15.21 22.93
N LEU A 185 22.01 15.18 22.87
CA LEU A 185 21.20 16.09 23.67
C LEU A 185 21.30 15.74 25.15
N ASP A 186 21.30 16.78 25.99
CA ASP A 186 21.46 16.60 27.44
C ASP A 186 20.45 17.48 28.17
N GLY A 187 20.55 17.47 29.50
CA GLY A 187 19.68 18.31 30.33
C GLY A 187 18.23 17.88 30.26
N ASP A 188 17.33 18.87 30.25
CA ASP A 188 15.90 18.60 30.10
C ASP A 188 15.61 17.85 28.81
N LEU A 189 16.52 17.93 27.83
CA LEU A 189 16.40 17.23 26.56
C LEU A 189 17.11 15.89 26.55
N ALA A 190 17.91 15.57 27.55
CA ALA A 190 18.54 14.26 27.62
C ALA A 190 17.47 13.17 27.53
N GLY A 191 17.70 12.18 26.69
CA GLY A 191 16.70 11.16 26.43
C GLY A 191 17.29 9.86 25.94
N ARG A 192 16.40 8.99 25.47
CA ARG A 192 16.77 7.67 25.00
C ARG A 192 16.11 7.39 23.66
N TYR A 193 16.67 6.43 22.94
CA TYR A 193 16.16 6.02 21.63
C TYR A 193 15.73 4.57 21.67
N TYR A 194 14.57 4.28 21.10
CA TYR A 194 14.05 2.93 20.94
C TYR A 194 13.87 2.64 19.46
N ALA A 195 14.56 1.62 18.96
CA ALA A 195 14.36 1.17 17.59
C ALA A 195 13.15 0.25 17.54
N LEU A 196 12.25 0.49 16.58
CA LEU A 196 11.05 -0.32 16.47
C LEU A 196 11.38 -1.80 16.30
N LYS A 197 12.48 -2.11 15.60
CA LYS A 197 12.81 -3.51 15.35
C LYS A 197 13.26 -4.22 16.62
N SER A 198 14.02 -3.53 17.47
CA SER A 198 14.60 -4.14 18.66
C SER A 198 13.72 -4.03 19.89
N MET A 199 12.54 -3.42 19.79
CA MET A 199 11.70 -3.19 20.96
C MET A 199 11.18 -4.49 21.54
N THR A 200 11.32 -4.64 22.85
CA THR A 200 10.65 -5.74 23.55
C THR A 200 9.15 -5.45 23.61
N GLU A 201 8.39 -6.52 23.83
CA GLU A 201 6.95 -6.33 24.00
C GLU A 201 6.68 -5.38 25.16
N ALA A 202 7.50 -5.44 26.20
CA ALA A 202 7.34 -4.56 27.34
C ALA A 202 7.59 -3.10 26.96
N GLU A 203 8.70 -2.85 26.26
CA GLU A 203 9.00 -1.48 25.86
C GLU A 203 7.92 -0.94 24.93
N GLN A 204 7.47 -1.78 24.00
CA GLN A 204 6.41 -1.38 23.11
C GLN A 204 5.14 -1.04 23.90
N GLN A 205 4.80 -1.87 24.88
CA GLN A 205 3.63 -1.59 25.72
C GLN A 205 3.78 -0.24 26.42
N GLN A 206 4.94 0.00 27.01
CA GLN A 206 5.16 1.27 27.70
C GLN A 206 4.96 2.43 26.75
N LEU A 207 5.52 2.34 25.55
CA LEU A 207 5.37 3.42 24.60
C LEU A 207 3.91 3.62 24.22
N ILE A 208 3.17 2.52 24.01
CA ILE A 208 1.75 2.64 23.66
C ILE A 208 1.00 3.35 24.77
N ASP A 209 1.25 2.95 26.02
CA ASP A 209 0.63 3.60 27.16
C ASP A 209 1.03 5.05 27.27
N ASP A 210 2.20 5.42 26.75
CA ASP A 210 2.65 6.80 26.77
C ASP A 210 2.11 7.63 25.62
N HIS A 211 1.41 7.01 24.67
CA HIS A 211 0.97 7.68 23.44
C HIS A 211 2.15 8.09 22.58
N PHE A 212 3.32 7.49 22.80
CA PHE A 212 4.53 7.83 22.08
C PHE A 212 4.79 6.96 20.85
N LEU A 213 4.03 5.87 20.69
CA LEU A 213 4.35 4.83 19.72
C LEU A 213 3.51 5.01 18.46
N PHE A 214 4.18 4.97 17.31
CA PHE A 214 3.51 4.89 16.01
C PHE A 214 3.64 3.46 15.50
N ASP A 215 2.51 2.88 15.07
CA ASP A 215 2.51 1.50 14.62
C ASP A 215 2.71 1.46 13.10
N LYS A 216 2.80 0.23 12.57
CA LYS A 216 3.01 0.07 11.13
C LYS A 216 1.84 0.70 10.38
N PRO A 217 2.10 1.51 9.35
CA PRO A 217 1.00 2.15 8.64
C PRO A 217 0.08 1.12 8.00
N VAL A 218 -1.21 1.45 7.94
CA VAL A 218 -2.20 0.54 7.38
C VAL A 218 -3.11 1.27 6.41
N SER A 219 -3.10 2.61 6.44
CA SER A 219 -4.02 3.35 5.59
C SER A 219 -3.71 3.09 4.12
N PRO A 220 -4.72 2.87 3.28
CA PRO A 220 -4.47 2.77 1.83
C PRO A 220 -3.82 4.02 1.27
N LEU A 221 -3.79 5.13 2.01
CA LEU A 221 -3.03 6.30 1.60
C LEU A 221 -1.54 6.02 1.67
N LEU A 222 -1.05 5.66 2.85
CA LEU A 222 0.39 5.53 3.06
C LEU A 222 0.96 4.28 2.39
N LEU A 223 0.24 3.15 2.49
CA LEU A 223 0.76 1.90 1.95
C LEU A 223 0.96 2.00 0.45
N ALA A 224 0.03 2.66 -0.25
CA ALA A 224 0.17 2.84 -1.70
C ALA A 224 1.34 3.76 -2.03
N SER A 225 1.59 4.77 -1.19
CA SER A 225 2.65 5.74 -1.46
C SER A 225 4.04 5.17 -1.21
N GLY A 226 4.16 3.98 -0.64
CA GLY A 226 5.45 3.43 -0.32
C GLY A 226 6.09 3.99 0.93
N MET A 227 5.32 4.68 1.78
CA MET A 227 5.86 5.19 3.02
C MET A 227 6.12 4.09 4.04
N ALA A 228 5.62 2.88 3.80
CA ALA A 228 5.77 1.77 4.73
C ALA A 228 6.82 0.77 4.28
N ARG A 229 7.65 1.15 3.31
CA ARG A 229 8.61 0.21 2.75
C ARG A 229 9.61 -0.23 3.81
N ASP A 230 9.92 -1.52 3.81
CA ASP A 230 10.95 -2.10 4.68
C ASP A 230 10.65 -1.84 6.16
N TRP A 231 9.37 -1.83 6.53
CA TRP A 231 8.99 -1.62 7.93
C TRP A 231 9.39 -2.82 8.77
N PRO A 232 9.98 -2.61 9.95
CA PRO A 232 10.25 -1.32 10.59
C PRO A 232 11.70 -0.86 10.50
N ASP A 233 12.39 -1.20 9.41
CA ASP A 233 13.81 -0.85 9.28
C ASP A 233 14.00 0.65 9.36
N ALA A 234 14.93 1.08 10.22
CA ALA A 234 15.35 2.47 10.35
C ALA A 234 14.28 3.40 10.93
N ARG A 235 13.24 2.85 11.57
CA ARG A 235 12.18 3.66 12.17
C ARG A 235 12.30 3.60 13.69
N GLY A 236 12.27 4.76 14.35
CA GLY A 236 12.50 4.75 15.79
C GLY A 236 11.77 5.86 16.52
N ILE A 237 11.80 5.77 17.84
CA ILE A 237 11.19 6.75 18.73
C ILE A 237 12.21 7.17 19.77
N TRP A 238 12.54 8.44 19.80
CA TRP A 238 13.42 9.00 20.82
C TRP A 238 12.60 9.92 21.71
N HIS A 239 12.78 9.81 23.02
CA HIS A 239 12.05 10.69 23.92
C HIS A 239 12.93 11.08 25.09
N ASN A 240 12.76 12.32 25.56
CA ASN A 240 13.51 12.80 26.70
C ASN A 240 12.97 12.17 27.98
N ASP A 241 13.81 12.14 29.01
CA ASP A 241 13.45 11.44 30.24
C ASP A 241 12.28 12.10 30.96
N ASN A 242 11.95 13.34 30.61
CA ASN A 242 10.82 14.03 31.22
C ASN A 242 9.52 13.85 30.44
N LYS A 243 9.55 13.11 29.34
CA LYS A 243 8.36 12.89 28.50
C LYS A 243 7.73 14.21 28.05
N THR A 244 8.58 15.19 27.74
CA THR A 244 8.16 16.47 27.21
C THR A 244 8.65 16.74 25.80
N PHE A 245 9.70 16.03 25.35
CA PHE A 245 10.21 16.14 24.00
C PHE A 245 10.25 14.75 23.37
N LEU A 246 9.69 14.62 22.16
CA LEU A 246 9.59 13.35 21.47
C LEU A 246 9.98 13.55 20.01
N VAL A 247 10.69 12.56 19.45
CA VAL A 247 11.14 12.57 18.06
C VAL A 247 10.81 11.22 17.45
N TRP A 248 10.24 11.25 16.25
CA TRP A 248 9.95 10.05 15.47
C TRP A 248 10.86 10.05 14.25
N VAL A 249 11.58 8.95 14.06
CA VAL A 249 12.64 8.87 13.05
C VAL A 249 12.15 7.97 11.92
N ASN A 250 11.97 8.58 10.74
CA ASN A 250 11.65 7.89 9.49
C ASN A 250 10.23 7.32 9.50
N GLU A 251 9.26 8.07 10.04
CA GLU A 251 7.88 7.59 10.02
C GLU A 251 7.09 8.15 8.85
N GLU A 252 6.87 9.46 8.84
CA GLU A 252 6.18 10.14 7.75
C GLU A 252 6.97 11.32 7.23
N ASP A 253 8.03 11.70 7.93
CA ASP A 253 9.06 12.57 7.42
C ASP A 253 10.35 12.08 8.08
N HIS A 254 11.49 12.63 7.62
CA HIS A 254 12.76 12.18 8.17
C HIS A 254 12.75 12.29 9.70
N LEU A 255 12.34 13.45 10.21
CA LEU A 255 12.16 13.65 11.64
C LEU A 255 10.80 14.27 11.90
N ARG A 256 10.08 13.74 12.89
CA ARG A 256 8.86 14.34 13.40
C ARG A 256 9.12 14.77 14.85
N VAL A 257 8.99 16.06 15.13
CA VAL A 257 9.37 16.61 16.43
C VAL A 257 8.13 17.11 17.14
N ILE A 258 7.94 16.68 18.38
CA ILE A 258 6.81 17.10 19.20
C ILE A 258 7.32 17.56 20.56
N SER A 259 6.84 18.71 21.01
CA SER A 259 7.10 19.21 22.36
C SER A 259 5.75 19.32 23.08
N MET A 260 5.59 18.59 24.18
CA MET A 260 4.33 18.53 24.89
C MET A 260 4.51 18.79 26.37
N GLN A 261 3.46 19.33 27.00
CA GLN A 261 3.45 19.58 28.43
C GLN A 261 2.00 19.58 28.93
N LYS A 262 1.75 18.83 30.01
CA LYS A 262 0.45 18.88 30.64
C LYS A 262 0.22 20.26 31.24
N GLY A 263 -0.93 20.86 30.96
CA GLY A 263 -1.24 22.19 31.44
C GLY A 263 -1.42 23.17 30.28
N GLY A 264 -1.13 24.43 30.56
CA GLY A 264 -1.34 25.48 29.58
C GLY A 264 -0.21 26.49 29.48
N ASN A 265 1.02 26.06 29.80
CA ASN A 265 2.18 26.95 29.64
C ASN A 265 2.72 26.81 28.22
N MET A 266 1.91 27.30 27.28
CA MET A 266 2.27 27.18 25.88
C MET A 266 3.64 27.80 25.62
N LYS A 267 4.01 28.83 26.38
CA LYS A 267 5.32 29.43 26.18
C LYS A 267 6.43 28.43 26.46
N GLU A 268 6.30 27.66 27.54
CA GLU A 268 7.31 26.66 27.86
C GLU A 268 7.40 25.60 26.77
N VAL A 269 6.25 25.13 26.28
CA VAL A 269 6.26 24.12 25.25
C VAL A 269 6.93 24.66 23.99
N PHE A 270 6.59 25.88 23.60
CA PHE A 270 7.18 26.45 22.39
C PHE A 270 8.67 26.71 22.59
N THR A 271 9.09 27.09 23.79
CA THR A 271 10.51 27.28 24.04
C THR A 271 11.27 25.97 23.93
N ARG A 272 10.72 24.89 24.50
CA ARG A 272 11.35 23.59 24.35
C ARG A 272 11.40 23.18 22.89
N PHE A 273 10.31 23.40 22.16
CA PHE A 273 10.27 23.14 20.72
C PHE A 273 11.42 23.85 20.02
N CYS A 274 11.54 25.16 20.24
CA CYS A 274 12.55 25.95 19.55
C CYS A 274 13.96 25.52 19.95
N THR A 275 14.23 25.40 21.24
CA THR A 275 15.59 25.08 21.64
C THR A 275 15.99 23.69 21.18
N GLY A 276 15.11 22.70 21.30
CA GLY A 276 15.42 21.37 20.81
C GLY A 276 15.69 21.36 19.31
N LEU A 277 14.86 22.04 18.54
CA LEU A 277 15.12 22.12 17.11
C LEU A 277 16.47 22.79 16.83
N THR A 278 16.77 23.87 17.55
CA THR A 278 18.03 24.58 17.31
C THR A 278 19.23 23.70 17.63
N GLN A 279 19.18 22.96 18.73
CA GLN A 279 20.30 22.09 19.08
C GLN A 279 20.46 20.98 18.06
N ILE A 280 19.35 20.39 17.60
CA ILE A 280 19.44 19.33 16.61
C ILE A 280 20.05 19.87 15.32
N GLU A 281 19.57 21.02 14.87
CA GLU A 281 20.12 21.62 13.65
C GLU A 281 21.60 21.93 13.82
N THR A 282 21.99 22.40 15.01
CA THR A 282 23.40 22.70 15.25
C THR A 282 24.25 21.44 15.16
N LEU A 283 23.77 20.34 15.75
CA LEU A 283 24.51 19.09 15.65
C LEU A 283 24.64 18.65 14.20
N PHE A 284 23.53 18.72 13.46
CA PHE A 284 23.56 18.29 12.06
C PHE A 284 24.52 19.14 11.24
N LYS A 285 24.52 20.46 11.45
CA LYS A 285 25.46 21.32 10.75
C LYS A 285 26.90 20.99 11.13
N SER A 286 27.15 20.71 12.41
CA SER A 286 28.48 20.28 12.82
C SER A 286 28.90 19.02 12.08
N LYS A 287 27.94 18.18 11.70
CA LYS A 287 28.24 17.03 10.87
C LYS A 287 28.04 17.31 9.37
N ASP A 288 27.93 18.57 8.98
CA ASP A 288 27.82 18.99 7.59
C ASP A 288 26.52 18.58 6.93
N TYR A 289 25.47 18.33 7.71
CA TYR A 289 24.13 18.08 7.19
C TYR A 289 23.21 19.24 7.58
N GLU A 290 22.05 19.32 6.93
CA GLU A 290 21.15 20.44 7.15
C GLU A 290 19.71 20.05 6.82
N PHE A 291 18.76 20.89 7.24
CA PHE A 291 17.36 20.67 6.92
C PHE A 291 17.04 21.25 5.56
N MET A 292 16.08 20.63 4.87
CA MET A 292 15.61 21.15 3.60
C MET A 292 14.80 22.41 3.86
N TRP A 293 15.29 23.55 3.39
CA TRP A 293 14.62 24.82 3.61
C TRP A 293 14.94 25.77 2.47
N ASN A 294 13.94 26.52 2.05
CA ASN A 294 14.12 27.58 1.07
C ASN A 294 13.19 28.73 1.45
N PRO A 295 13.45 29.93 0.92
CA PRO A 295 12.69 31.12 1.34
C PRO A 295 11.27 31.21 0.77
N HIS A 296 10.87 30.31 -0.13
CA HIS A 296 9.52 30.31 -0.66
C HIS A 296 8.63 29.26 -0.01
N LEU A 297 9.12 28.03 0.16
CA LEU A 297 8.33 26.94 0.73
C LEU A 297 8.61 26.71 2.22
N GLY A 298 9.45 27.52 2.84
CA GLY A 298 9.86 27.22 4.21
C GLY A 298 10.59 25.89 4.26
N TYR A 299 10.23 25.06 5.24
CA TYR A 299 10.83 23.74 5.34
C TYR A 299 10.14 22.77 4.39
N ILE A 300 10.93 21.89 3.78
CA ILE A 300 10.43 20.95 2.78
C ILE A 300 10.07 19.65 3.46
N LEU A 301 8.88 19.13 3.15
CA LEU A 301 8.39 17.87 3.69
C LEU A 301 7.62 17.11 2.63
N THR A 302 7.40 15.81 2.89
CA THR A 302 6.76 14.93 1.92
C THR A 302 5.45 15.50 1.41
N CYS A 303 4.58 15.90 2.31
CA CYS A 303 3.27 16.36 1.92
C CYS A 303 3.27 17.86 1.69
N PRO A 304 2.78 18.33 0.54
CA PRO A 304 2.70 19.79 0.33
C PRO A 304 1.85 20.51 1.36
N SER A 305 0.92 19.82 2.01
CA SER A 305 0.03 20.47 2.97
C SER A 305 0.74 20.89 4.25
N ASN A 306 1.96 20.42 4.50
CA ASN A 306 2.69 20.73 5.72
C ASN A 306 3.91 21.62 5.48
N LEU A 307 3.87 22.41 4.40
CA LEU A 307 5.03 23.19 4.00
C LEU A 307 5.17 24.46 4.83
N GLY A 308 6.38 25.02 4.81
CA GLY A 308 6.65 26.29 5.47
C GLY A 308 7.04 26.16 6.92
N THR A 309 6.07 25.87 7.80
CA THR A 309 6.36 25.66 9.21
C THR A 309 6.07 24.24 9.68
N GLY A 310 5.24 23.48 8.95
CA GLY A 310 4.84 22.16 9.36
C GLY A 310 4.38 22.12 10.81
N LEU A 311 3.93 23.27 11.31
CA LEU A 311 3.65 23.45 12.72
C LEU A 311 2.18 23.17 12.99
N ARG A 312 1.93 22.28 13.96
CA ARG A 312 0.60 22.00 14.48
C ARG A 312 0.65 22.27 15.97
N ALA A 313 0.46 23.54 16.34
CA ALA A 313 0.45 23.96 17.74
C ALA A 313 -1.00 23.93 18.22
N GLY A 314 -1.30 23.02 19.16
CA GLY A 314 -2.67 22.82 19.60
C GLY A 314 -2.77 22.69 21.10
N VAL A 315 -4.02 22.59 21.56
CA VAL A 315 -4.34 22.39 22.96
C VAL A 315 -5.51 21.42 23.07
N HIS A 316 -5.42 20.50 24.02
CA HIS A 316 -6.59 19.78 24.50
C HIS A 316 -7.27 20.65 25.54
N ILE A 317 -8.55 20.96 25.33
CA ILE A 317 -9.22 22.00 26.09
C ILE A 317 -10.65 21.57 26.40
N LYS A 318 -11.11 21.90 27.60
CA LYS A 318 -12.46 21.59 28.04
C LYS A 318 -13.39 22.72 27.59
N LEU A 319 -14.12 22.50 26.51
CA LEU A 319 -15.07 23.47 25.97
C LEU A 319 -16.40 22.79 25.71
N PRO A 320 -17.01 22.22 26.73
CA PRO A 320 -18.25 21.46 26.53
C PRO A 320 -19.38 22.31 25.97
N ASN A 321 -19.73 23.41 26.66
CA ASN A 321 -20.83 24.25 26.19
C ASN A 321 -20.54 24.82 24.82
N LEU A 322 -19.31 25.31 24.61
CA LEU A 322 -18.97 25.91 23.33
C LEU A 322 -19.03 24.88 22.20
N GLY A 323 -18.65 23.64 22.48
CA GLY A 323 -18.69 22.61 21.45
C GLY A 323 -20.09 22.38 20.91
N LYS A 324 -21.10 22.45 21.79
CA LYS A 324 -22.49 22.25 21.40
C LYS A 324 -23.13 23.50 20.81
N HIS A 325 -22.40 24.62 20.76
CA HIS A 325 -22.90 25.84 20.13
C HIS A 325 -22.84 25.72 18.61
N GLU A 326 -23.78 26.40 17.95
CA GLU A 326 -23.88 26.35 16.50
C GLU A 326 -22.94 27.33 15.81
N LYS A 327 -22.18 28.10 16.56
CA LYS A 327 -21.21 29.04 16.00
C LYS A 327 -19.77 28.63 16.25
N PHE A 328 -19.54 27.49 16.94
CA PHE A 328 -18.19 27.10 17.31
C PHE A 328 -17.28 27.05 16.08
N SER A 329 -17.77 26.43 15.00
CA SER A 329 -16.96 26.34 13.78
C SER A 329 -16.61 27.72 13.24
N GLU A 330 -17.60 28.63 13.21
CA GLU A 330 -17.35 29.97 12.69
C GLU A 330 -16.32 30.71 13.55
N VAL A 331 -16.45 30.61 14.87
CA VAL A 331 -15.49 31.26 15.76
C VAL A 331 -14.09 30.74 15.49
N LEU A 332 -13.96 29.40 15.38
CA LEU A 332 -12.66 28.81 15.10
C LEU A 332 -12.11 29.29 13.76
N LYS A 333 -12.97 29.40 12.75
CA LYS A 333 -12.52 29.85 11.44
C LYS A 333 -12.04 31.30 11.50
N ARG A 334 -12.78 32.17 12.19
CA ARG A 334 -12.37 33.56 12.25
C ARG A 334 -11.08 33.72 13.03
N LEU A 335 -10.86 32.85 14.01
CA LEU A 335 -9.63 32.89 14.79
C LEU A 335 -8.47 32.20 14.08
N ARG A 336 -8.69 31.72 12.86
CA ARG A 336 -7.65 31.02 12.08
C ARG A 336 -7.19 29.75 12.79
N LEU A 337 -8.08 29.12 13.53
CA LEU A 337 -7.80 27.89 14.24
C LEU A 337 -8.73 26.79 13.76
N GLN A 338 -8.40 25.55 14.09
CA GLN A 338 -9.16 24.40 13.63
C GLN A 338 -9.33 23.40 14.78
N LYS A 339 -10.45 22.67 14.74
CA LYS A 339 -10.73 21.62 15.71
C LYS A 339 -10.29 20.31 15.07
N ARG A 340 -9.04 19.92 15.35
CA ARG A 340 -8.49 18.72 14.72
C ARG A 340 -9.08 17.44 15.27
N GLY A 341 -9.85 17.51 16.35
CA GLY A 341 -10.49 16.33 16.88
C GLY A 341 -11.12 16.64 18.22
N THR A 342 -11.77 15.60 18.77
CA THR A 342 -12.43 15.72 20.04
C THR A 342 -12.09 14.51 20.90
N GLY A 343 -12.08 14.72 22.21
CA GLY A 343 -11.86 13.66 23.17
C GLY A 343 -10.72 13.92 24.12
N GLY A 344 -9.63 14.48 23.61
CA GLY A 344 -8.45 14.67 24.42
C GLY A 344 -7.56 13.46 24.44
N VAL A 345 -6.53 13.52 25.29
CA VAL A 345 -5.47 12.51 25.24
C VAL A 345 -6.03 11.12 25.42
N ASP A 346 -6.81 10.91 26.48
CA ASP A 346 -7.34 9.59 26.79
C ASP A 346 -8.73 9.38 26.20
N THR A 347 -8.91 9.70 24.92
CA THR A 347 -10.24 9.71 24.32
C THR A 347 -11.27 10.22 25.34
N ALA A 348 -12.23 9.37 25.72
CA ALA A 348 -13.06 9.62 26.90
C ALA A 348 -13.99 10.83 26.74
N ALA A 349 -13.44 12.04 26.81
CA ALA A 349 -14.24 13.26 26.81
C ALA A 349 -14.55 13.76 25.40
N VAL A 350 -15.06 12.88 24.54
CA VAL A 350 -15.49 13.27 23.21
C VAL A 350 -16.80 14.05 23.34
N GLY A 351 -16.79 15.31 22.87
CA GLY A 351 -17.89 16.23 23.04
C GLY A 351 -17.61 17.33 24.03
N GLY A 352 -16.75 17.05 25.00
CA GLY A 352 -16.37 18.06 25.99
C GLY A 352 -14.98 18.59 25.78
N VAL A 353 -14.03 17.71 25.48
CA VAL A 353 -12.64 18.10 25.27
C VAL A 353 -12.37 18.12 23.78
N PHE A 354 -11.68 19.16 23.33
CA PHE A 354 -11.37 19.34 21.92
C PHE A 354 -9.89 19.64 21.74
N ASP A 355 -9.35 19.21 20.60
CA ASP A 355 -7.97 19.48 20.21
C ASP A 355 -8.01 20.61 19.18
N VAL A 356 -7.64 21.82 19.61
CA VAL A 356 -7.73 23.01 18.77
C VAL A 356 -6.32 23.51 18.48
N SER A 357 -6.01 23.70 17.19
CA SER A 357 -4.66 24.06 16.76
C SER A 357 -4.74 25.13 15.68
N ASN A 358 -3.57 25.61 15.25
CA ASN A 358 -3.51 26.59 14.19
C ASN A 358 -3.86 25.94 12.86
N ALA A 359 -4.60 26.67 12.03
CA ALA A 359 -5.02 26.14 10.74
C ALA A 359 -3.98 26.37 9.66
N ASP A 360 -3.36 27.55 9.64
CA ASP A 360 -2.37 27.88 8.62
C ASP A 360 -1.02 27.21 8.94
N ARG A 361 -0.25 26.92 7.89
CA ARG A 361 1.07 26.33 8.03
C ARG A 361 2.10 27.09 7.22
N LEU A 362 1.69 27.66 6.10
CA LEU A 362 2.59 28.34 5.18
C LEU A 362 2.13 29.78 5.00
N GLY A 363 3.09 30.70 4.99
CA GLY A 363 2.81 32.11 4.92
C GLY A 363 2.81 32.82 6.26
N PHE A 364 2.80 32.07 7.36
CA PHE A 364 2.91 32.62 8.71
C PHE A 364 4.13 32.03 9.38
N SER A 365 4.83 32.85 10.17
CA SER A 365 5.94 32.34 10.95
C SER A 365 5.43 31.47 12.10
N GLU A 366 6.34 30.67 12.67
CA GLU A 366 5.97 29.81 13.78
C GLU A 366 5.44 30.62 14.95
N VAL A 367 6.14 31.72 15.28
CA VAL A 367 5.71 32.56 16.41
C VAL A 367 4.32 33.09 16.16
N GLU A 368 4.02 33.50 14.92
CA GLU A 368 2.70 34.04 14.61
C GLU A 368 1.60 33.00 14.82
N LEU A 369 1.85 31.76 14.37
CA LEU A 369 0.86 30.72 14.58
C LEU A 369 0.65 30.45 16.07
N VAL A 370 1.74 30.34 16.82
CA VAL A 370 1.61 30.08 18.26
C VAL A 370 0.87 31.21 18.94
N GLN A 371 1.18 32.45 18.55
CA GLN A 371 0.45 33.60 19.05
C GLN A 371 -1.04 33.43 18.78
N MET A 372 -1.42 33.33 17.50
CA MET A 372 -2.80 33.12 17.11
C MET A 372 -3.48 32.09 17.99
N VAL A 373 -2.78 31.00 18.28
CA VAL A 373 -3.37 29.94 19.12
C VAL A 373 -3.64 30.47 20.53
N VAL A 374 -2.65 31.12 21.13
CA VAL A 374 -2.82 31.63 22.49
C VAL A 374 -3.98 32.62 22.54
N ASP A 375 -3.97 33.58 21.63
CA ASP A 375 -4.99 34.61 21.60
C ASP A 375 -6.38 34.03 21.40
N GLY A 376 -6.51 33.09 20.45
CA GLY A 376 -7.81 32.48 20.22
C GLY A 376 -8.29 31.66 21.39
N VAL A 377 -7.36 30.96 22.06
CA VAL A 377 -7.73 30.14 23.20
C VAL A 377 -8.27 31.01 24.34
N LYS A 378 -7.68 32.18 24.55
CA LYS A 378 -8.19 33.05 25.61
C LYS A 378 -9.65 33.41 25.36
N LEU A 379 -9.97 33.84 24.13
CA LEU A 379 -11.34 34.21 23.81
C LEU A 379 -12.26 33.00 23.87
N LEU A 380 -11.77 31.82 23.47
CA LEU A 380 -12.58 30.62 23.60
C LEU A 380 -12.92 30.36 25.06
N ILE A 381 -11.96 30.54 25.95
CA ILE A 381 -12.21 30.33 27.37
C ILE A 381 -13.26 31.31 27.85
N GLU A 382 -13.15 32.57 27.44
CA GLU A 382 -14.14 33.56 27.84
C GLU A 382 -15.53 33.17 27.35
N MET A 383 -15.63 32.73 26.09
CA MET A 383 -16.91 32.30 25.56
C MET A 383 -17.46 31.12 26.36
N GLU A 384 -16.59 30.17 26.70
CA GLU A 384 -17.05 29.02 27.45
C GLU A 384 -17.60 29.45 28.81
N GLN A 385 -16.90 30.37 29.48
CA GLN A 385 -17.39 30.84 30.78
C GLN A 385 -18.75 31.54 30.63
N ARG A 386 -18.86 32.43 29.63
CA ARG A 386 -20.12 33.13 29.44
C ARG A 386 -21.26 32.14 29.17
N LEU A 387 -21.00 31.13 28.33
CA LEU A 387 -22.01 30.10 28.09
C LEU A 387 -22.31 29.30 29.37
N GLU A 388 -21.31 29.15 30.24
CA GLU A 388 -21.54 28.50 31.52
C GLU A 388 -22.56 29.27 32.36
N GLN A 389 -22.43 30.59 32.38
CA GLN A 389 -23.39 31.40 33.13
C GLN A 389 -24.78 31.44 32.49
N GLY A 390 -24.99 30.74 31.38
CA GLY A 390 -26.26 30.78 30.69
C GLY A 390 -26.46 31.97 29.78
N GLN A 391 -25.46 32.83 29.64
CA GLN A 391 -25.56 34.02 28.83
C GLN A 391 -25.21 33.71 27.38
N ALA A 392 -25.18 34.75 26.55
CA ALA A 392 -24.95 34.60 25.12
C ALA A 392 -23.63 35.26 24.74
N ILE A 393 -22.97 34.67 23.73
CA ILE A 393 -21.67 35.15 23.29
C ILE A 393 -21.78 35.97 22.00
N ASP A 394 -22.99 36.35 21.60
CA ASP A 394 -23.15 37.09 20.35
C ASP A 394 -22.36 38.40 20.36
N ASP A 395 -21.96 38.88 21.54
CA ASP A 395 -21.15 40.09 21.64
C ASP A 395 -19.66 39.82 21.62
N LEU A 396 -19.24 38.59 21.86
CA LEU A 396 -17.82 38.23 21.86
C LEU A 396 -17.34 37.68 20.52
N MET A 397 -18.23 37.56 19.53
CA MET A 397 -17.82 36.97 18.26
C MET A 397 -16.69 37.78 17.65
N PRO A 398 -15.60 37.14 17.23
CA PRO A 398 -14.49 37.88 16.64
C PRO A 398 -14.71 38.16 15.16
N ALA A 399 -13.83 38.98 14.59
CA ALA A 399 -13.80 39.21 13.15
C ALA A 399 -12.77 38.29 12.51
N GLN A 400 -12.96 38.01 11.22
CA GLN A 400 -12.06 37.12 10.53
C GLN A 400 -10.63 37.66 10.57
N LYS A 401 -9.70 36.84 11.07
CA LYS A 401 -8.31 37.26 11.25
C LYS A 401 -7.47 37.01 10.00
N ASN B 25 17.66 3.69 -14.91
CA ASN B 25 17.05 3.88 -13.60
C ASN B 25 17.92 4.80 -12.74
N SER B 26 17.56 6.08 -12.70
CA SER B 26 18.31 7.03 -11.88
C SER B 26 18.19 6.71 -10.39
N HIS B 27 17.00 6.26 -9.96
CA HIS B 27 16.81 5.89 -8.55
C HIS B 27 17.74 4.76 -8.15
N ASN B 28 17.77 3.68 -8.94
CA ASN B 28 18.77 2.65 -8.73
C ASN B 28 20.16 3.26 -8.66
N ALA B 29 20.59 3.93 -9.74
CA ALA B 29 21.90 4.56 -9.76
C ALA B 29 22.25 5.23 -8.43
N LEU B 30 21.35 6.07 -7.91
CA LEU B 30 21.58 6.66 -6.59
C LEU B 30 21.80 5.58 -5.53
N LYS B 31 21.04 4.49 -5.61
CA LYS B 31 21.17 3.43 -4.61
C LYS B 31 22.51 2.70 -4.74
N LEU B 32 23.00 2.50 -5.97
CA LEU B 32 24.29 1.86 -6.17
C LEU B 32 25.45 2.73 -5.70
N ARG B 33 25.20 4.03 -5.46
CA ARG B 33 26.21 4.86 -4.83
C ARG B 33 26.49 4.41 -3.40
N PHE B 34 25.49 3.83 -2.73
CA PHE B 34 25.66 3.24 -1.41
C PHE B 34 26.27 1.85 -1.51
N PRO B 35 26.96 1.39 -0.45
CA PRO B 35 27.43 0.00 -0.42
C PRO B 35 26.26 -0.98 -0.38
N ALA B 36 26.52 -2.20 -0.86
CA ALA B 36 25.48 -3.24 -0.86
C ALA B 36 25.04 -3.58 0.55
N GLU B 37 26.00 -3.71 1.48
CA GLU B 37 25.66 -4.05 2.86
C GLU B 37 24.67 -3.04 3.43
N ASP B 38 24.84 -1.76 3.09
CA ASP B 38 23.95 -0.72 3.58
C ASP B 38 22.58 -0.75 2.91
N GLU B 39 22.40 -1.55 1.86
CA GLU B 39 21.12 -1.67 1.21
C GLU B 39 20.50 -3.05 1.35
N PHE B 40 21.25 -4.02 1.86
CA PHE B 40 20.72 -5.37 1.99
C PHE B 40 19.53 -5.38 2.95
N PRO B 41 18.43 -6.03 2.59
CA PRO B 41 17.26 -6.03 3.48
C PRO B 41 17.52 -6.82 4.74
N ASP B 42 16.79 -6.46 5.81
CA ASP B 42 16.83 -7.17 7.08
C ASP B 42 15.71 -8.20 7.07
N LEU B 43 16.07 -9.46 6.82
CA LEU B 43 15.11 -10.55 6.76
C LEU B 43 15.26 -11.49 7.96
N SER B 44 15.61 -10.92 9.11
CA SER B 44 15.87 -11.75 10.29
C SER B 44 14.63 -12.47 10.79
N ALA B 45 13.44 -12.05 10.37
CA ALA B 45 12.22 -12.70 10.84
C ALA B 45 11.24 -12.87 9.69
N HIS B 46 11.71 -13.34 8.54
CA HIS B 46 10.86 -13.48 7.37
C HIS B 46 10.73 -14.96 7.00
N ASN B 47 9.49 -15.46 6.97
CA ASN B 47 9.21 -16.83 6.55
C ASN B 47 8.66 -16.83 5.12
N ASN B 48 9.51 -16.47 4.17
CA ASN B 48 9.15 -16.54 2.77
C ASN B 48 10.33 -17.11 1.99
N HIS B 49 10.00 -17.83 0.91
CA HIS B 49 11.04 -18.50 0.12
C HIS B 49 12.13 -17.52 -0.28
N MET B 50 11.76 -16.30 -0.67
CA MET B 50 12.75 -15.32 -1.11
C MET B 50 13.81 -15.10 -0.02
N ALA B 51 13.36 -14.80 1.20
CA ALA B 51 14.31 -14.57 2.28
C ALA B 51 15.08 -15.82 2.65
N LYS B 52 14.56 -17.00 2.27
CA LYS B 52 15.27 -18.24 2.48
C LYS B 52 16.33 -18.50 1.42
N VAL B 53 16.36 -17.71 0.34
CA VAL B 53 17.27 -17.94 -0.77
C VAL B 53 18.21 -16.74 -0.94
N LEU B 54 17.73 -15.55 -0.57
CA LEU B 54 18.49 -14.34 -0.80
C LEU B 54 19.70 -14.28 0.14
N THR B 55 20.86 -14.05 -0.44
CA THR B 55 22.10 -13.85 0.30
C THR B 55 22.68 -12.48 -0.01
N PRO B 56 23.45 -11.90 0.89
CA PRO B 56 24.12 -10.63 0.58
C PRO B 56 24.93 -10.71 -0.70
N GLU B 57 25.52 -11.88 -0.99
CA GLU B 57 26.29 -12.04 -2.20
C GLU B 57 25.41 -11.94 -3.45
N LEU B 58 24.31 -12.68 -3.47
CA LEU B 58 23.42 -12.60 -4.62
C LEU B 58 22.84 -11.20 -4.77
N TYR B 59 22.49 -10.56 -3.65
CA TYR B 59 21.97 -9.20 -3.71
C TYR B 59 23.00 -8.24 -4.29
N ALA B 60 24.25 -8.35 -3.86
CA ALA B 60 25.30 -7.52 -4.44
C ALA B 60 25.46 -7.80 -5.94
N GLU B 61 25.38 -9.07 -6.33
CA GLU B 61 25.54 -9.39 -7.74
C GLU B 61 24.46 -8.74 -8.59
N LEU B 62 23.20 -8.96 -8.22
CA LEU B 62 22.09 -8.57 -9.10
C LEU B 62 21.54 -7.19 -8.79
N ARG B 63 22.08 -6.50 -7.77
CA ARG B 63 21.50 -5.24 -7.33
C ARG B 63 21.63 -4.14 -8.38
N ALA B 64 22.43 -4.33 -9.42
CA ALA B 64 22.62 -3.31 -10.44
C ALA B 64 21.89 -3.62 -11.74
N LYS B 65 21.39 -4.85 -11.91
CA LYS B 65 20.70 -5.23 -13.14
C LYS B 65 19.31 -4.60 -13.20
N SER B 66 18.75 -4.58 -14.41
CA SER B 66 17.42 -4.03 -14.64
C SER B 66 16.83 -4.67 -15.89
N THR B 67 15.51 -4.80 -15.89
CA THR B 67 14.81 -5.29 -17.07
C THR B 67 14.62 -4.16 -18.07
N PRO B 68 14.21 -4.49 -19.29
CA PRO B 68 13.96 -3.42 -20.28
C PRO B 68 12.93 -2.41 -19.83
N SER B 69 12.05 -2.77 -18.89
CA SER B 69 11.03 -1.86 -18.36
C SER B 69 11.51 -1.07 -17.15
N GLY B 70 12.67 -1.39 -16.59
CA GLY B 70 13.18 -0.72 -15.42
C GLY B 70 13.07 -1.50 -14.13
N PHE B 71 12.52 -2.72 -14.16
CA PHE B 71 12.39 -3.51 -12.96
C PHE B 71 13.77 -3.85 -12.39
N THR B 72 13.87 -3.86 -11.06
CA THR B 72 15.12 -4.14 -10.38
C THR B 72 14.92 -5.27 -9.39
N LEU B 73 16.03 -5.70 -8.78
CA LEU B 73 15.93 -6.70 -7.73
C LEU B 73 15.12 -6.18 -6.54
N ASP B 74 15.35 -4.92 -6.16
CA ASP B 74 14.60 -4.36 -5.06
C ASP B 74 13.11 -4.33 -5.35
N ASP B 75 12.74 -3.99 -6.59
CA ASP B 75 11.34 -4.06 -6.95
C ASP B 75 10.81 -5.49 -6.84
N VAL B 76 11.64 -6.47 -7.21
CA VAL B 76 11.21 -7.85 -7.17
C VAL B 76 10.99 -8.33 -5.74
N ILE B 77 11.76 -7.80 -4.79
CA ILE B 77 11.77 -8.35 -3.45
C ILE B 77 11.01 -7.50 -2.44
N GLN B 78 10.58 -6.29 -2.81
CA GLN B 78 9.96 -5.42 -1.82
C GLN B 78 8.83 -6.13 -1.07
N THR B 79 8.03 -6.94 -1.79
CA THR B 79 6.92 -7.61 -1.12
C THR B 79 7.42 -8.58 -0.06
N GLY B 80 8.47 -9.33 -0.38
CA GLY B 80 9.06 -10.22 0.62
C GLY B 80 9.64 -9.46 1.80
N VAL B 81 10.28 -8.33 1.53
CA VAL B 81 10.84 -7.51 2.61
C VAL B 81 9.73 -7.01 3.52
N ASP B 82 8.64 -6.54 2.93
CA ASP B 82 7.57 -5.92 3.70
C ASP B 82 6.60 -6.93 4.31
N ASN B 83 6.74 -8.21 4.00
CA ASN B 83 5.75 -9.21 4.42
C ASN B 83 6.45 -10.48 4.85
N PRO B 84 6.88 -10.55 6.12
CA PRO B 84 7.53 -11.78 6.59
C PRO B 84 6.66 -13.02 6.46
N GLY B 85 5.33 -12.87 6.52
CA GLY B 85 4.43 -14.00 6.48
C GLY B 85 4.31 -14.65 7.84
N HIS B 86 3.54 -15.73 7.87
CA HIS B 86 3.36 -16.44 9.12
C HIS B 86 4.33 -17.62 9.21
N PRO B 87 4.67 -18.04 10.43
CA PRO B 87 5.61 -19.16 10.57
C PRO B 87 5.16 -20.41 9.83
N TYR B 88 3.86 -20.72 9.85
CA TYR B 88 3.39 -21.94 9.20
C TYR B 88 3.22 -21.75 7.69
N ILE B 89 2.33 -20.86 7.28
CA ILE B 89 2.10 -20.63 5.86
C ILE B 89 3.28 -19.88 5.28
N MET B 90 3.92 -20.46 4.28
CA MET B 90 5.09 -19.88 3.63
C MET B 90 4.66 -19.14 2.38
N THR B 91 5.16 -17.92 2.22
CA THR B 91 4.93 -17.10 1.04
C THR B 91 6.19 -17.08 0.16
N VAL B 92 5.98 -16.74 -1.11
CA VAL B 92 7.09 -16.73 -2.06
C VAL B 92 8.09 -15.63 -1.74
N GLY B 93 7.59 -14.45 -1.36
CA GLY B 93 8.39 -13.31 -0.98
C GLY B 93 8.96 -12.50 -2.13
N CYS B 94 8.42 -12.65 -3.33
CA CYS B 94 8.95 -11.96 -4.50
C CYS B 94 7.85 -11.91 -5.55
N VAL B 95 8.06 -11.06 -6.56
CA VAL B 95 7.09 -10.85 -7.62
C VAL B 95 7.85 -10.44 -8.87
N ALA B 96 7.21 -10.62 -10.03
CA ALA B 96 7.80 -10.26 -11.31
C ALA B 96 6.98 -9.14 -11.97
N GLY B 97 7.68 -8.18 -12.57
CA GLY B 97 7.05 -7.04 -13.18
C GLY B 97 6.99 -7.12 -14.70
N ASP B 98 7.72 -8.09 -15.26
CA ASP B 98 7.70 -8.36 -16.68
C ASP B 98 8.25 -9.75 -16.91
N GLU B 99 7.99 -10.28 -18.09
CA GLU B 99 8.53 -11.59 -18.44
C GLU B 99 10.05 -11.60 -18.29
N GLU B 100 10.72 -10.56 -18.77
CA GLU B 100 12.17 -10.51 -18.70
C GLU B 100 12.67 -10.63 -17.27
N SER B 101 11.83 -10.26 -16.30
CA SER B 101 12.24 -10.35 -14.89
C SER B 101 12.67 -11.76 -14.52
N TYR B 102 11.99 -12.77 -15.07
CA TYR B 102 12.33 -14.14 -14.71
C TYR B 102 13.67 -14.59 -15.27
N GLU B 103 14.29 -13.82 -16.15
CA GLU B 103 15.62 -14.11 -16.67
C GLU B 103 16.71 -13.24 -16.09
N VAL B 104 16.45 -11.93 -15.95
CA VAL B 104 17.45 -11.02 -15.38
C VAL B 104 17.80 -11.46 -13.97
N PHE B 105 16.83 -11.95 -13.22
CA PHE B 105 17.02 -12.36 -11.84
C PHE B 105 16.73 -13.84 -11.68
N LYS B 106 17.07 -14.62 -12.72
CA LYS B 106 16.88 -16.05 -12.65
C LYS B 106 17.72 -16.67 -11.54
N ASP B 107 18.87 -16.08 -11.23
CA ASP B 107 19.69 -16.62 -10.15
C ASP B 107 18.95 -16.62 -8.82
N LEU B 108 17.93 -15.77 -8.66
CA LEU B 108 17.10 -15.77 -7.47
C LEU B 108 15.82 -16.58 -7.65
N PHE B 109 15.14 -16.41 -8.79
CA PHE B 109 13.88 -17.12 -9.01
C PHE B 109 14.09 -18.62 -9.05
N ASP B 110 15.13 -19.08 -9.74
CA ASP B 110 15.33 -20.52 -9.89
C ASP B 110 15.41 -21.25 -8.56
N PRO B 111 16.23 -20.83 -7.60
CA PRO B 111 16.23 -21.51 -6.30
C PRO B 111 14.88 -21.44 -5.61
N ILE B 112 14.21 -20.30 -5.70
CA ILE B 112 12.89 -20.16 -5.08
C ILE B 112 11.89 -21.09 -5.76
N ILE B 113 11.93 -21.17 -7.09
CA ILE B 113 11.04 -22.08 -7.80
C ILE B 113 11.32 -23.52 -7.37
N GLU B 114 12.59 -23.85 -7.18
CA GLU B 114 12.94 -25.20 -6.73
C GLU B 114 12.37 -25.47 -5.35
N ASP B 115 12.51 -24.51 -4.44
CA ASP B 115 12.02 -24.69 -3.07
C ASP B 115 10.50 -24.82 -3.05
N ARG B 116 9.80 -23.98 -3.80
CA ARG B 116 8.34 -23.95 -3.74
C ARG B 116 7.74 -25.12 -4.51
N HIS B 117 8.16 -25.31 -5.75
CA HIS B 117 7.56 -26.31 -6.63
C HIS B 117 8.32 -27.64 -6.57
N GLY B 118 8.44 -28.16 -5.35
CA GLY B 118 8.97 -29.49 -5.14
C GLY B 118 10.20 -29.85 -5.93
N GLY B 119 11.31 -29.14 -5.68
CA GLY B 119 12.57 -29.51 -6.29
C GLY B 119 12.64 -29.33 -7.79
N TYR B 120 11.74 -28.56 -8.38
CA TYR B 120 11.81 -28.25 -9.80
C TYR B 120 13.12 -27.53 -10.09
N LYS B 121 14.04 -28.21 -10.76
CA LYS B 121 15.36 -27.67 -11.01
C LYS B 121 15.34 -26.77 -12.26
N PRO B 122 16.36 -25.92 -12.42
CA PRO B 122 16.38 -25.03 -13.59
C PRO B 122 16.42 -25.77 -14.92
N SER B 123 16.89 -27.02 -14.93
CA SER B 123 17.01 -27.83 -16.13
C SER B 123 15.76 -28.65 -16.43
N ASP B 124 14.71 -28.54 -15.63
CA ASP B 124 13.48 -29.27 -15.90
C ASP B 124 12.65 -28.55 -16.95
N GLU B 125 11.70 -29.28 -17.55
CA GLU B 125 10.85 -28.76 -18.61
C GLU B 125 9.39 -28.95 -18.23
N HIS B 126 8.58 -27.92 -18.48
CA HIS B 126 7.15 -27.97 -18.19
C HIS B 126 6.37 -28.40 -19.43
N LYS B 127 5.42 -29.31 -19.23
CA LYS B 127 4.59 -29.84 -20.31
C LYS B 127 3.19 -29.26 -20.18
N THR B 128 2.72 -28.62 -21.24
CA THR B 128 1.43 -27.94 -21.27
C THR B 128 0.48 -28.76 -22.14
N ASP B 129 -0.45 -29.48 -21.52
CA ASP B 129 -1.45 -30.25 -22.24
C ASP B 129 -2.82 -29.64 -21.97
N LEU B 130 -3.54 -29.28 -23.02
CA LEU B 130 -4.83 -28.62 -22.91
C LEU B 130 -5.87 -29.31 -23.79
N ASN B 131 -5.79 -30.62 -23.93
CA ASN B 131 -6.78 -31.38 -24.68
C ASN B 131 -7.64 -32.15 -23.70
N PRO B 132 -8.93 -31.84 -23.59
CA PRO B 132 -9.77 -32.56 -22.62
C PRO B 132 -9.89 -34.04 -22.90
N ASP B 133 -9.65 -34.48 -24.14
CA ASP B 133 -9.77 -35.89 -24.48
C ASP B 133 -8.84 -36.75 -23.63
N ASN B 134 -7.68 -36.21 -23.27
CA ASN B 134 -6.71 -36.96 -22.48
C ASN B 134 -7.18 -37.19 -21.04
N LEU B 135 -8.25 -36.54 -20.61
CA LEU B 135 -8.81 -36.79 -19.30
C LEU B 135 -9.63 -38.09 -19.31
N GLN B 136 -9.61 -38.77 -18.17
CA GLN B 136 -10.30 -40.06 -18.03
C GLN B 136 -11.33 -39.93 -16.92
N GLY B 137 -12.60 -40.12 -17.28
CA GLY B 137 -13.65 -39.96 -16.30
C GLY B 137 -13.88 -38.50 -15.96
N GLY B 138 -14.39 -38.27 -14.75
CA GLY B 138 -14.66 -36.93 -14.28
C GLY B 138 -15.93 -36.30 -14.79
N ASP B 139 -16.72 -37.01 -15.60
CA ASP B 139 -17.98 -36.49 -16.10
C ASP B 139 -19.17 -36.82 -15.20
N ASP B 140 -18.97 -37.64 -14.17
CA ASP B 140 -20.06 -38.08 -13.31
C ASP B 140 -19.64 -38.05 -11.85
N LEU B 141 -18.95 -37.00 -11.43
CA LEU B 141 -18.65 -36.84 -10.01
C LEU B 141 -19.97 -36.79 -9.24
N ASP B 142 -20.06 -37.58 -8.19
CA ASP B 142 -21.33 -37.85 -7.53
C ASP B 142 -21.97 -36.58 -7.00
N PRO B 143 -23.06 -36.12 -7.62
CA PRO B 143 -23.62 -34.81 -7.24
C PRO B 143 -24.23 -34.77 -5.85
N ASN B 144 -24.32 -35.91 -5.15
CA ASN B 144 -24.75 -35.91 -3.76
C ASN B 144 -23.65 -35.48 -2.81
N TYR B 145 -22.41 -35.36 -3.30
CA TYR B 145 -21.29 -34.88 -2.50
C TYR B 145 -20.48 -33.77 -3.17
N VAL B 146 -20.62 -33.56 -4.48
CA VAL B 146 -19.96 -32.47 -5.19
C VAL B 146 -21.01 -31.48 -5.64
N LEU B 147 -20.94 -30.24 -5.14
CA LEU B 147 -21.91 -29.20 -5.47
C LEU B 147 -21.44 -28.30 -6.62
N SER B 148 -20.19 -27.86 -6.57
CA SER B 148 -19.62 -27.04 -7.63
C SER B 148 -18.25 -27.57 -8.00
N SER B 149 -17.99 -27.64 -9.30
CA SER B 149 -16.69 -28.01 -9.85
C SER B 149 -16.16 -26.85 -10.67
N ARG B 150 -14.90 -26.49 -10.45
CA ARG B 150 -14.32 -25.29 -11.05
C ARG B 150 -12.90 -25.58 -11.51
N VAL B 151 -12.49 -24.86 -12.55
CA VAL B 151 -11.11 -24.87 -13.04
C VAL B 151 -10.69 -23.43 -13.27
N ARG B 152 -9.57 -23.02 -12.68
CA ARG B 152 -9.09 -21.65 -12.77
C ARG B 152 -7.63 -21.63 -13.20
N THR B 153 -7.26 -20.57 -13.91
CA THR B 153 -5.89 -20.34 -14.34
C THR B 153 -5.68 -18.86 -14.59
N GLY B 154 -4.44 -18.50 -14.88
CA GLY B 154 -4.11 -17.12 -15.20
C GLY B 154 -3.20 -17.07 -16.41
N ARG B 155 -3.31 -15.98 -17.16
CA ARG B 155 -2.52 -15.79 -18.36
C ARG B 155 -2.04 -14.35 -18.47
N SER B 156 -0.89 -14.15 -19.11
CA SER B 156 -0.30 -12.84 -19.29
C SER B 156 -0.05 -12.60 -20.77
N ILE B 157 -0.37 -11.39 -21.24
CA ILE B 157 -0.16 -11.03 -22.63
C ILE B 157 1.28 -10.59 -22.80
N ARG B 158 2.05 -11.33 -23.60
CA ARG B 158 3.46 -11.00 -23.80
C ARG B 158 3.61 -9.64 -24.47
N GLY B 159 4.66 -8.93 -24.07
CA GLY B 159 4.93 -7.59 -24.56
C GLY B 159 4.47 -6.50 -23.61
N PHE B 160 3.55 -6.80 -22.71
CA PHE B 160 3.07 -5.86 -21.72
C PHE B 160 3.67 -6.20 -20.37
N CYS B 161 3.82 -5.17 -19.52
CA CYS B 161 4.33 -5.38 -18.18
C CYS B 161 3.27 -6.08 -17.32
N LEU B 162 3.73 -6.77 -16.29
CA LEU B 162 2.85 -7.46 -15.37
C LEU B 162 2.18 -6.48 -14.40
N PRO B 163 1.10 -6.89 -13.75
CA PRO B 163 0.27 -5.96 -12.97
C PRO B 163 1.08 -5.15 -11.98
N PRO B 164 2.07 -5.75 -11.29
CA PRO B 164 2.82 -4.98 -10.30
C PRO B 164 3.48 -3.73 -10.86
N HIS B 165 3.87 -3.75 -12.13
CA HIS B 165 4.63 -2.67 -12.74
C HIS B 165 3.91 -1.94 -13.87
N CYS B 166 2.88 -2.54 -14.46
CA CYS B 166 2.32 -2.02 -15.70
C CYS B 166 1.78 -0.60 -15.51
N SER B 167 1.90 0.19 -16.57
CA SER B 167 1.43 1.57 -16.57
C SER B 167 -0.09 1.60 -16.77
N ARG B 168 -0.67 2.77 -16.51
CA ARG B 168 -2.10 2.94 -16.78
C ARG B 168 -2.40 2.66 -18.25
N GLY B 169 -1.66 3.33 -19.15
CA GLY B 169 -1.90 3.12 -20.57
C GLY B 169 -1.75 1.67 -20.96
N GLU B 170 -0.72 1.00 -20.45
CA GLU B 170 -0.62 -0.43 -20.62
C GLU B 170 -1.92 -1.10 -20.19
N ARG B 171 -2.24 -1.03 -18.89
CA ARG B 171 -3.40 -1.75 -18.37
C ARG B 171 -4.62 -1.56 -19.26
N ARG B 172 -4.87 -0.32 -19.69
CA ARG B 172 -6.01 -0.08 -20.57
C ARG B 172 -5.84 -0.79 -21.90
N ALA B 173 -4.63 -0.82 -22.43
CA ALA B 173 -4.39 -1.54 -23.68
C ALA B 173 -4.71 -3.02 -23.54
N ILE B 174 -4.21 -3.64 -22.46
CA ILE B 174 -4.51 -5.04 -22.24
C ILE B 174 -6.02 -5.23 -22.10
N GLU B 175 -6.68 -4.33 -21.38
CA GLU B 175 -8.12 -4.50 -21.18
C GLU B 175 -8.85 -4.41 -22.52
N LYS B 176 -8.52 -3.42 -23.34
CA LYS B 176 -9.20 -3.25 -24.62
C LYS B 176 -8.97 -4.47 -25.51
N LEU B 177 -7.73 -4.94 -25.55
CA LEU B 177 -7.42 -6.13 -26.34
C LEU B 177 -8.23 -7.33 -25.88
N ALA B 178 -8.24 -7.61 -24.56
CA ALA B 178 -8.96 -8.76 -24.04
C ALA B 178 -10.45 -8.64 -24.28
N VAL B 179 -11.02 -7.46 -24.04
CA VAL B 179 -12.46 -7.28 -24.19
C VAL B 179 -12.86 -7.43 -25.65
N GLU B 180 -12.09 -6.85 -26.56
CA GLU B 180 -12.38 -6.99 -27.98
C GLU B 180 -12.29 -8.44 -28.42
N ALA B 181 -11.29 -9.17 -27.93
CA ALA B 181 -11.16 -10.58 -28.27
C ALA B 181 -12.35 -11.38 -27.76
N LEU B 182 -12.72 -11.18 -26.50
CA LEU B 182 -13.82 -11.94 -25.92
C LEU B 182 -15.15 -11.62 -26.59
N SER B 183 -15.34 -10.39 -27.04
CA SER B 183 -16.57 -10.05 -27.75
C SER B 183 -16.80 -10.98 -28.93
N SER B 184 -15.72 -11.47 -29.54
CA SER B 184 -15.81 -12.40 -30.67
C SER B 184 -16.10 -13.83 -30.24
N LEU B 185 -16.34 -14.06 -28.96
CA LEU B 185 -16.71 -15.39 -28.51
C LEU B 185 -18.18 -15.65 -28.83
N ASP B 186 -18.47 -16.82 -29.41
CA ASP B 186 -19.84 -17.18 -29.77
C ASP B 186 -20.25 -18.50 -29.11
N GLY B 187 -21.43 -19.00 -29.48
CA GLY B 187 -21.90 -20.24 -28.87
C GLY B 187 -22.08 -20.12 -27.37
N ASP B 188 -21.70 -21.17 -26.64
CA ASP B 188 -21.77 -21.15 -25.19
C ASP B 188 -20.80 -20.16 -24.57
N LEU B 189 -19.79 -19.74 -25.32
CA LEU B 189 -18.81 -18.77 -24.85
C LEU B 189 -19.17 -17.34 -25.22
N ALA B 190 -20.33 -17.13 -25.86
CA ALA B 190 -20.80 -15.77 -26.08
C ALA B 190 -21.15 -15.14 -24.75
N GLY B 191 -20.63 -13.94 -24.50
CA GLY B 191 -20.84 -13.31 -23.21
C GLY B 191 -20.71 -11.81 -23.27
N ARG B 192 -20.68 -11.21 -22.09
CA ARG B 192 -20.66 -9.76 -21.94
C ARG B 192 -19.54 -9.37 -20.97
N TYR B 193 -19.09 -8.12 -21.10
CA TYR B 193 -18.06 -7.56 -20.25
C TYR B 193 -18.62 -6.41 -19.43
N TYR B 194 -18.41 -6.45 -18.11
CA TYR B 194 -18.83 -5.41 -17.19
C TYR B 194 -17.59 -4.74 -16.61
N ALA B 195 -17.49 -3.44 -16.81
CA ALA B 195 -16.35 -2.67 -16.33
C ALA B 195 -16.68 -2.08 -14.97
N LEU B 196 -15.70 -2.13 -14.06
CA LEU B 196 -15.93 -1.63 -12.70
C LEU B 196 -16.40 -0.18 -12.74
N LYS B 197 -15.75 0.66 -13.53
CA LYS B 197 -16.11 2.07 -13.62
C LYS B 197 -17.49 2.30 -14.24
N SER B 198 -18.07 1.28 -14.86
CA SER B 198 -19.38 1.40 -15.50
C SER B 198 -20.42 0.48 -14.90
N MET B 199 -20.05 -0.33 -13.90
CA MET B 199 -21.00 -1.23 -13.27
C MET B 199 -22.10 -0.44 -12.58
N THR B 200 -23.35 -0.73 -12.96
CA THR B 200 -24.47 -0.15 -12.24
C THR B 200 -24.57 -0.76 -10.84
N GLU B 201 -25.13 0.01 -9.91
CA GLU B 201 -25.32 -0.51 -8.56
C GLU B 201 -26.12 -1.81 -8.59
N ALA B 202 -27.13 -1.87 -9.45
CA ALA B 202 -27.89 -3.10 -9.63
C ALA B 202 -27.01 -4.20 -10.21
N GLU B 203 -26.17 -3.88 -11.20
CA GLU B 203 -25.25 -4.87 -11.75
C GLU B 203 -24.20 -5.28 -10.72
N GLN B 204 -23.71 -4.32 -9.92
CA GLN B 204 -22.83 -4.63 -8.81
C GLN B 204 -23.46 -5.67 -7.89
N GLN B 205 -24.71 -5.44 -7.49
CA GLN B 205 -25.45 -6.41 -6.69
C GLN B 205 -25.49 -7.76 -7.40
N GLN B 206 -26.10 -7.80 -8.59
CA GLN B 206 -26.26 -9.02 -9.37
C GLN B 206 -24.98 -9.83 -9.42
N LEU B 207 -23.84 -9.16 -9.64
CA LEU B 207 -22.56 -9.86 -9.70
C LEU B 207 -22.15 -10.39 -8.33
N ILE B 208 -22.37 -9.59 -7.27
CA ILE B 208 -22.04 -10.06 -5.93
C ILE B 208 -22.88 -11.29 -5.59
N ASP B 209 -24.15 -11.29 -6.00
CA ASP B 209 -25.03 -12.42 -5.78
C ASP B 209 -24.72 -13.59 -6.72
N ASP B 210 -24.01 -13.34 -7.82
CA ASP B 210 -23.56 -14.38 -8.73
C ASP B 210 -22.16 -14.90 -8.40
N HIS B 211 -21.43 -14.21 -7.52
CA HIS B 211 -20.10 -14.64 -7.11
C HIS B 211 -19.12 -14.58 -8.28
N LYS B 216 -12.80 -5.02 -4.62
CA LYS B 216 -11.57 -4.23 -4.63
C LYS B 216 -10.45 -4.93 -3.84
N PRO B 217 -9.21 -4.49 -4.02
CA PRO B 217 -8.09 -5.08 -3.29
C PRO B 217 -7.88 -4.40 -1.95
N VAL B 218 -7.71 -5.18 -0.89
CA VAL B 218 -7.60 -4.65 0.46
C VAL B 218 -6.39 -5.26 1.16
N SER B 219 -5.80 -6.29 0.55
CA SER B 219 -4.68 -6.97 1.16
C SER B 219 -3.48 -6.04 1.29
N PRO B 220 -2.68 -6.18 2.35
CA PRO B 220 -1.49 -5.32 2.48
C PRO B 220 -0.38 -5.73 1.54
N LEU B 221 -0.29 -7.01 1.17
CA LEU B 221 0.69 -7.44 0.18
C LEU B 221 0.38 -6.83 -1.19
N LEU B 222 -0.89 -6.59 -1.49
CA LEU B 222 -1.31 -6.06 -2.77
C LEU B 222 -1.31 -4.53 -2.79
N LEU B 223 -1.86 -3.92 -1.74
CA LEU B 223 -1.88 -2.46 -1.65
C LEU B 223 -0.48 -1.87 -1.50
N ALA B 224 0.50 -2.68 -1.11
CA ALA B 224 1.88 -2.24 -1.06
C ALA B 224 2.71 -2.72 -2.24
N SER B 225 2.21 -3.71 -2.98
CA SER B 225 2.90 -4.23 -4.15
C SER B 225 2.59 -3.45 -5.42
N GLY B 226 1.81 -2.37 -5.32
CA GLY B 226 1.45 -1.62 -6.50
C GLY B 226 0.40 -2.28 -7.36
N MET B 227 -0.22 -3.36 -6.89
CA MET B 227 -1.20 -4.10 -7.67
C MET B 227 -2.58 -3.44 -7.70
N ALA B 228 -2.79 -2.41 -6.88
CA ALA B 228 -4.07 -1.71 -6.83
C ALA B 228 -3.96 -0.28 -7.37
N ARG B 229 -2.90 0.03 -8.11
CA ARG B 229 -2.74 1.38 -8.62
C ARG B 229 -3.87 1.73 -9.58
N ASP B 230 -4.38 2.96 -9.46
CA ASP B 230 -5.48 3.45 -10.29
C ASP B 230 -6.65 2.47 -10.28
N TRP B 231 -7.06 2.08 -9.07
CA TRP B 231 -7.79 0.83 -8.84
C TRP B 231 -8.94 0.58 -9.82
N PRO B 232 -10.00 1.38 -9.80
CA PRO B 232 -11.14 1.08 -10.67
C PRO B 232 -10.78 1.09 -12.15
N ASP B 233 -9.60 1.59 -12.52
CA ASP B 233 -9.24 1.76 -13.92
C ASP B 233 -8.75 0.46 -14.54
N ALA B 234 -9.28 0.12 -15.72
CA ALA B 234 -8.78 -0.97 -16.55
C ALA B 234 -9.05 -2.35 -15.96
N ARG B 235 -9.97 -2.46 -15.01
CA ARG B 235 -10.32 -3.73 -14.40
C ARG B 235 -11.75 -4.11 -14.76
N GLY B 236 -11.98 -5.38 -15.04
CA GLY B 236 -13.31 -5.76 -15.48
C GLY B 236 -13.59 -7.24 -15.28
N ILE B 237 -14.85 -7.61 -15.50
CA ILE B 237 -15.30 -8.99 -15.38
C ILE B 237 -16.10 -9.35 -16.62
N TRP B 238 -15.69 -10.41 -17.32
CA TRP B 238 -16.40 -10.89 -18.49
C TRP B 238 -16.97 -12.27 -18.20
N HIS B 239 -18.21 -12.50 -18.59
CA HIS B 239 -18.80 -13.81 -18.35
C HIS B 239 -19.77 -14.15 -19.47
N ASN B 240 -19.88 -15.44 -19.77
CA ASN B 240 -20.79 -15.87 -20.82
C ASN B 240 -22.23 -15.78 -20.32
N ASP B 241 -23.16 -15.82 -21.28
CA ASP B 241 -24.57 -15.66 -20.95
C ASP B 241 -25.09 -16.78 -20.07
N ASN B 242 -24.41 -17.93 -20.03
CA ASN B 242 -24.81 -19.02 -19.16
C ASN B 242 -24.11 -18.98 -17.80
N LYS B 243 -23.27 -17.97 -17.56
CA LYS B 243 -22.58 -17.80 -16.28
C LYS B 243 -21.80 -19.05 -15.89
N THR B 244 -21.15 -19.69 -16.88
CA THR B 244 -20.29 -20.84 -16.63
C THR B 244 -18.86 -20.64 -17.10
N PHE B 245 -18.56 -19.54 -17.79
CA PHE B 245 -17.20 -19.19 -18.20
C PHE B 245 -16.97 -17.73 -17.86
N LEU B 246 -15.98 -17.46 -17.01
CA LEU B 246 -15.71 -16.11 -16.52
C LEU B 246 -14.22 -15.78 -16.68
N VAL B 247 -13.94 -14.49 -16.85
CA VAL B 247 -12.58 -13.99 -17.03
C VAL B 247 -12.46 -12.64 -16.31
N TRP B 248 -11.52 -12.57 -15.37
CA TRP B 248 -11.19 -11.33 -14.68
C TRP B 248 -10.07 -10.63 -15.43
N VAL B 249 -10.23 -9.33 -15.66
CA VAL B 249 -9.32 -8.54 -16.48
C VAL B 249 -8.61 -7.55 -15.57
N ASN B 250 -7.30 -7.74 -15.43
CA ASN B 250 -6.35 -6.80 -14.83
C ASN B 250 -6.39 -6.76 -13.31
N GLU B 251 -6.91 -7.80 -12.66
CA GLU B 251 -6.96 -7.78 -11.21
C GLU B 251 -5.64 -8.23 -10.59
N GLU B 252 -5.31 -9.51 -10.76
CA GLU B 252 -4.08 -10.08 -10.19
C GLU B 252 -3.04 -10.41 -11.25
N ASP B 253 -3.48 -10.96 -12.37
CA ASP B 253 -2.69 -11.08 -13.58
C ASP B 253 -3.48 -10.42 -14.70
N HIS B 254 -2.89 -10.39 -15.90
CA HIS B 254 -3.59 -9.80 -17.03
C HIS B 254 -4.97 -10.43 -17.20
N LEU B 255 -5.03 -11.76 -17.21
CA LEU B 255 -6.27 -12.49 -17.38
C LEU B 255 -6.36 -13.58 -16.33
N ARG B 256 -7.56 -13.76 -15.76
CA ARG B 256 -7.82 -14.84 -14.81
C ARG B 256 -9.06 -15.57 -15.30
N VAL B 257 -8.89 -16.79 -15.81
CA VAL B 257 -9.94 -17.52 -16.50
C VAL B 257 -10.46 -18.63 -15.59
N ILE B 258 -11.78 -18.77 -15.53
CA ILE B 258 -12.44 -19.78 -14.70
C ILE B 258 -13.57 -20.41 -15.49
N SER B 259 -13.67 -21.73 -15.40
CA SER B 259 -14.80 -22.49 -15.91
C SER B 259 -15.49 -23.19 -14.75
N MET B 260 -16.80 -23.03 -14.68
CA MET B 260 -17.49 -23.36 -13.44
C MET B 260 -18.76 -24.15 -13.78
N GLN B 261 -19.19 -25.00 -12.84
CA GLN B 261 -20.44 -25.73 -13.07
C GLN B 261 -20.92 -26.39 -11.79
N LYS B 262 -22.18 -26.15 -11.44
CA LYS B 262 -22.79 -26.88 -10.34
C LYS B 262 -22.93 -28.34 -10.74
N GLY B 263 -22.42 -29.23 -9.90
CA GLY B 263 -22.42 -30.64 -10.22
C GLY B 263 -21.02 -31.23 -10.22
N GLY B 264 -20.86 -32.38 -10.87
CA GLY B 264 -19.59 -33.08 -10.86
C GLY B 264 -19.10 -33.52 -12.22
N ASN B 265 -19.55 -32.84 -13.28
CA ASN B 265 -19.04 -33.11 -14.63
C ASN B 265 -17.76 -32.30 -14.88
N MET B 266 -16.75 -32.63 -14.08
CA MET B 266 -15.46 -31.95 -14.20
C MET B 266 -14.89 -32.10 -15.61
N LYS B 267 -15.20 -33.20 -16.30
CA LYS B 267 -14.77 -33.33 -17.69
C LYS B 267 -15.36 -32.21 -18.53
N GLU B 268 -16.63 -31.87 -18.31
CA GLU B 268 -17.27 -30.81 -19.08
C GLU B 268 -16.69 -29.44 -18.75
N VAL B 269 -16.45 -29.17 -17.46
CA VAL B 269 -15.88 -27.88 -17.09
C VAL B 269 -14.46 -27.75 -17.63
N PHE B 270 -13.70 -28.84 -17.60
CA PHE B 270 -12.37 -28.84 -18.19
C PHE B 270 -12.42 -28.62 -19.70
N THR B 271 -13.38 -29.25 -20.37
CA THR B 271 -13.58 -28.97 -21.79
C THR B 271 -13.82 -27.49 -22.02
N ARG B 272 -14.92 -26.97 -21.47
CA ARG B 272 -15.23 -25.54 -21.54
C ARG B 272 -13.98 -24.68 -21.31
N PHE B 273 -13.24 -24.97 -20.24
CA PHE B 273 -12.02 -24.24 -19.92
C PHE B 273 -11.04 -24.28 -21.10
N CYS B 274 -10.75 -25.49 -21.60
CA CYS B 274 -9.82 -25.65 -22.70
C CYS B 274 -10.32 -24.89 -23.93
N THR B 275 -11.44 -25.32 -24.48
CA THR B 275 -12.01 -24.69 -25.66
C THR B 275 -11.95 -23.17 -25.54
N GLY B 276 -12.31 -22.63 -24.37
CA GLY B 276 -12.29 -21.18 -24.20
C GLY B 276 -10.89 -20.61 -24.32
N LEU B 277 -9.92 -21.24 -23.64
CA LEU B 277 -8.55 -20.73 -23.70
C LEU B 277 -7.95 -20.89 -25.10
N THR B 278 -8.22 -22.03 -25.75
CA THR B 278 -7.75 -22.22 -27.11
C THR B 278 -8.31 -21.15 -28.03
N GLN B 279 -9.63 -20.93 -27.98
CA GLN B 279 -10.24 -19.87 -28.77
C GLN B 279 -9.59 -18.54 -28.48
N ILE B 280 -9.40 -18.23 -27.19
CA ILE B 280 -8.86 -16.94 -26.80
C ILE B 280 -7.46 -16.75 -27.37
N GLU B 281 -6.62 -17.79 -27.26
CA GLU B 281 -5.26 -17.69 -27.78
C GLU B 281 -5.28 -17.45 -29.29
N THR B 282 -6.17 -18.15 -30.01
CA THR B 282 -6.25 -17.96 -31.46
C THR B 282 -6.68 -16.54 -31.81
N LEU B 283 -7.72 -16.02 -31.14
CA LEU B 283 -8.17 -14.66 -31.43
C LEU B 283 -7.09 -13.65 -31.10
N PHE B 284 -6.28 -13.90 -30.07
CA PHE B 284 -5.21 -12.98 -29.74
C PHE B 284 -4.10 -13.03 -30.79
N LYS B 285 -3.71 -14.24 -31.20
CA LYS B 285 -2.62 -14.39 -32.16
C LYS B 285 -3.00 -13.79 -33.51
N SER B 286 -4.27 -13.90 -33.91
CA SER B 286 -4.70 -13.29 -35.16
C SER B 286 -4.41 -11.80 -35.19
N LYS B 287 -4.23 -11.17 -34.03
CA LYS B 287 -3.88 -9.76 -33.95
C LYS B 287 -2.41 -9.54 -33.59
N ASP B 288 -1.58 -10.57 -33.72
CA ASP B 288 -0.15 -10.48 -33.42
C ASP B 288 0.10 -10.23 -31.93
N TYR B 289 -0.57 -11.02 -31.09
CA TYR B 289 -0.33 -11.00 -29.65
C TYR B 289 -0.29 -12.44 -29.14
N GLU B 290 0.48 -12.68 -28.08
CA GLU B 290 0.64 -14.05 -27.59
C GLU B 290 0.74 -14.06 -26.07
N PHE B 291 0.42 -15.22 -25.50
CA PHE B 291 0.58 -15.42 -24.07
C PHE B 291 2.06 -15.47 -23.70
N MET B 292 2.36 -15.14 -22.45
CA MET B 292 3.72 -15.23 -21.92
C MET B 292 3.99 -16.68 -21.53
N TRP B 293 4.70 -17.41 -22.40
CA TRP B 293 4.98 -18.82 -22.19
C TRP B 293 6.42 -19.11 -22.61
N ASN B 294 7.11 -19.93 -21.84
CA ASN B 294 8.39 -20.50 -22.24
C ASN B 294 8.41 -21.97 -21.85
N PRO B 295 9.29 -22.77 -22.46
CA PRO B 295 9.27 -24.22 -22.21
C PRO B 295 9.71 -24.61 -20.81
N HIS B 296 10.29 -23.68 -20.05
CA HIS B 296 10.79 -23.99 -18.72
C HIS B 296 9.75 -23.68 -17.63
N LEU B 297 9.17 -22.48 -17.67
CA LEU B 297 8.24 -22.01 -16.66
C LEU B 297 6.78 -22.06 -17.12
N GLY B 298 6.50 -22.71 -18.25
CA GLY B 298 5.14 -22.74 -18.73
C GLY B 298 4.63 -21.34 -18.98
N TYR B 299 3.39 -21.08 -18.58
CA TYR B 299 2.80 -19.77 -18.75
C TYR B 299 3.34 -18.82 -17.69
N ILE B 300 3.76 -17.64 -18.12
CA ILE B 300 4.39 -16.67 -17.21
C ILE B 300 3.31 -15.83 -16.57
N LEU B 301 3.42 -15.64 -15.26
CA LEU B 301 2.45 -14.85 -14.50
C LEU B 301 3.20 -13.95 -13.51
N THR B 302 2.43 -13.24 -12.69
CA THR B 302 3.04 -12.29 -11.76
C THR B 302 3.73 -13.01 -10.61
N CYS B 303 3.09 -14.02 -10.07
CA CYS B 303 3.62 -14.64 -8.86
C CYS B 303 4.36 -15.92 -9.19
N PRO B 304 5.58 -16.10 -8.68
CA PRO B 304 6.33 -17.32 -8.96
C PRO B 304 5.66 -18.58 -8.44
N SER B 305 4.50 -18.46 -7.79
CA SER B 305 3.80 -19.62 -7.27
C SER B 305 2.82 -20.25 -8.27
N ASN B 306 2.55 -19.58 -9.40
CA ASN B 306 1.54 -20.04 -10.34
C ASN B 306 2.11 -20.33 -11.72
N LEU B 307 3.42 -20.56 -11.83
CA LEU B 307 4.00 -20.83 -13.14
C LEU B 307 3.63 -22.24 -13.61
N GLY B 308 3.91 -22.49 -14.88
CA GLY B 308 3.55 -23.75 -15.49
C GLY B 308 2.12 -23.76 -15.97
N THR B 309 1.26 -24.40 -15.19
CA THR B 309 -0.17 -24.43 -15.50
C THR B 309 -0.92 -23.25 -14.91
N GLY B 310 -0.48 -22.75 -13.76
CA GLY B 310 -1.24 -21.70 -13.09
C GLY B 310 -2.66 -22.14 -12.80
N LEU B 311 -2.89 -23.43 -12.69
CA LEU B 311 -4.23 -24.02 -12.72
C LEU B 311 -4.64 -24.44 -11.31
N ARG B 312 -5.86 -24.07 -10.92
CA ARG B 312 -6.47 -24.48 -9.66
C ARG B 312 -7.80 -25.14 -9.98
N ALA B 313 -7.79 -26.47 -10.12
CA ALA B 313 -9.00 -27.25 -10.31
C ALA B 313 -9.47 -27.75 -8.95
N GLY B 314 -10.68 -27.35 -8.55
CA GLY B 314 -11.19 -27.68 -7.25
C GLY B 314 -12.67 -28.02 -7.30
N VAL B 315 -13.16 -28.47 -6.16
CA VAL B 315 -14.55 -28.89 -6.01
C VAL B 315 -15.02 -28.53 -4.62
N HIS B 316 -16.28 -28.08 -4.53
CA HIS B 316 -16.95 -27.87 -3.26
C HIS B 316 -17.64 -29.18 -2.91
N ILE B 317 -17.04 -29.92 -1.99
CA ILE B 317 -17.47 -31.28 -1.68
C ILE B 317 -17.94 -31.34 -0.23
N LYS B 318 -19.05 -32.04 -0.01
CA LYS B 318 -19.58 -32.25 1.34
C LYS B 318 -18.89 -33.48 1.92
N LEU B 319 -17.94 -33.25 2.81
CA LEU B 319 -17.22 -34.33 3.51
C LEU B 319 -17.35 -34.12 5.02
N PRO B 320 -18.57 -34.15 5.55
CA PRO B 320 -18.74 -33.93 6.99
C PRO B 320 -18.00 -34.97 7.83
N ASN B 321 -17.97 -36.22 7.40
CA ASN B 321 -17.28 -37.26 8.17
C ASN B 321 -15.78 -37.17 8.01
N LEU B 322 -15.30 -37.14 6.76
CA LEU B 322 -13.85 -37.11 6.52
C LEU B 322 -13.20 -35.90 7.18
N GLY B 323 -13.91 -34.77 7.20
CA GLY B 323 -13.34 -33.56 7.76
C GLY B 323 -12.94 -33.71 9.21
N LYS B 324 -13.73 -34.46 9.98
CA LYS B 324 -13.43 -34.69 11.39
C LYS B 324 -12.45 -35.85 11.60
N HIS B 325 -11.95 -36.46 10.53
CA HIS B 325 -11.02 -37.57 10.65
C HIS B 325 -9.60 -37.08 10.96
N GLU B 326 -8.82 -37.97 11.56
CA GLU B 326 -7.43 -37.65 11.90
C GLU B 326 -6.48 -37.81 10.72
N LYS B 327 -6.89 -38.52 9.68
CA LYS B 327 -6.03 -38.77 8.53
C LYS B 327 -6.33 -37.85 7.35
N PHE B 328 -7.32 -36.96 7.47
CA PHE B 328 -7.72 -36.13 6.34
C PHE B 328 -6.53 -35.39 5.75
N SER B 329 -5.74 -34.74 6.61
CA SER B 329 -4.57 -34.00 6.14
C SER B 329 -3.62 -34.92 5.37
N GLU B 330 -3.32 -36.09 5.93
CA GLU B 330 -2.41 -37.02 5.26
C GLU B 330 -3.02 -37.57 3.98
N VAL B 331 -4.32 -37.88 3.99
CA VAL B 331 -4.96 -38.40 2.79
C VAL B 331 -4.88 -37.38 1.66
N LEU B 332 -5.02 -36.10 1.99
CA LEU B 332 -4.90 -35.07 0.97
C LEU B 332 -3.46 -34.92 0.49
N LYS B 333 -2.52 -34.90 1.44
CA LYS B 333 -1.11 -34.72 1.06
C LYS B 333 -0.64 -35.84 0.16
N ARG B 334 -1.01 -37.09 0.49
CA ARG B 334 -0.69 -38.20 -0.38
C ARG B 334 -1.35 -38.04 -1.74
N LEU B 335 -2.55 -37.47 -1.77
CA LEU B 335 -3.27 -37.24 -3.03
C LEU B 335 -2.74 -36.04 -3.81
N ARG B 336 -1.78 -35.30 -3.26
CA ARG B 336 -1.29 -34.07 -3.88
C ARG B 336 -2.41 -33.06 -4.04
N LEU B 337 -3.27 -32.97 -3.03
CA LEU B 337 -4.43 -32.10 -3.02
C LEU B 337 -4.39 -31.19 -1.80
N GLN B 338 -5.18 -30.12 -1.86
CA GLN B 338 -5.19 -29.08 -0.83
C GLN B 338 -6.64 -28.73 -0.48
N LYS B 339 -6.82 -28.22 0.74
CA LYS B 339 -8.13 -27.80 1.21
C LYS B 339 -8.05 -26.37 1.73
N ARG B 340 -9.10 -25.60 1.50
CA ARG B 340 -9.15 -24.21 1.97
C ARG B 340 -10.10 -24.09 3.16
N GLY B 351 -17.17 -26.69 7.90
CA GLY B 351 -18.36 -27.27 8.50
C GLY B 351 -18.94 -28.42 7.69
N GLY B 352 -18.05 -29.27 7.18
CA GLY B 352 -18.46 -30.37 6.34
C GLY B 352 -18.43 -30.09 4.86
N VAL B 353 -18.31 -28.82 4.46
CA VAL B 353 -18.18 -28.44 3.06
C VAL B 353 -16.78 -27.87 2.86
N PHE B 354 -16.01 -28.49 1.96
CA PHE B 354 -14.62 -28.12 1.74
C PHE B 354 -14.37 -27.82 0.27
N ASP B 355 -13.52 -26.84 0.01
CA ASP B 355 -13.07 -26.51 -1.34
C ASP B 355 -11.73 -27.22 -1.52
N VAL B 356 -11.79 -28.43 -2.07
CA VAL B 356 -10.61 -29.26 -2.26
C VAL B 356 -10.13 -29.08 -3.69
N SER B 357 -8.87 -28.68 -3.86
CA SER B 357 -8.30 -28.35 -5.17
C SER B 357 -6.94 -29.03 -5.34
N ASN B 358 -6.40 -28.91 -6.54
CA ASN B 358 -5.06 -29.44 -6.79
C ASN B 358 -4.02 -28.59 -6.09
N ALA B 359 -2.87 -29.20 -5.81
CA ALA B 359 -1.79 -28.52 -5.10
C ALA B 359 -0.64 -28.12 -6.02
N ASP B 360 -0.19 -29.02 -6.88
CA ASP B 360 0.90 -28.69 -7.79
C ASP B 360 0.42 -27.75 -8.90
N ARG B 361 1.34 -26.93 -9.40
CA ARG B 361 1.05 -26.05 -10.52
C ARG B 361 2.14 -26.03 -11.59
N LEU B 362 3.37 -26.41 -11.27
CA LEU B 362 4.48 -26.39 -12.21
C LEU B 362 5.15 -27.77 -12.23
N GLY B 363 5.53 -28.21 -13.42
CA GLY B 363 6.04 -29.56 -13.59
C GLY B 363 4.98 -30.61 -13.79
N PHE B 364 3.71 -30.22 -13.93
CA PHE B 364 2.62 -31.12 -14.23
C PHE B 364 1.76 -30.53 -15.34
N SER B 365 1.24 -31.40 -16.19
CA SER B 365 0.33 -30.97 -17.24
C SER B 365 -1.03 -30.66 -16.66
N GLU B 366 -1.71 -29.66 -17.25
CA GLU B 366 -3.04 -29.28 -16.77
C GLU B 366 -3.95 -30.51 -16.69
N VAL B 367 -3.92 -31.35 -17.72
CA VAL B 367 -4.68 -32.59 -17.70
C VAL B 367 -4.24 -33.46 -16.52
N GLU B 368 -2.93 -33.49 -16.24
CA GLU B 368 -2.44 -34.30 -15.13
C GLU B 368 -3.04 -33.83 -13.81
N LEU B 369 -3.02 -32.52 -13.59
CA LEU B 369 -3.56 -31.97 -12.35
C LEU B 369 -5.04 -32.27 -12.21
N VAL B 370 -5.80 -32.07 -13.29
CA VAL B 370 -7.24 -32.30 -13.19
C VAL B 370 -7.55 -33.78 -13.02
N GLN B 371 -6.75 -34.66 -13.63
CA GLN B 371 -6.93 -36.09 -13.41
C GLN B 371 -6.62 -36.46 -11.97
N MET B 372 -5.57 -35.88 -11.39
CA MET B 372 -5.29 -36.08 -9.96
C MET B 372 -6.48 -35.63 -9.12
N VAL B 373 -7.09 -34.51 -9.50
CA VAL B 373 -8.26 -34.02 -8.79
C VAL B 373 -9.39 -35.04 -8.89
N VAL B 374 -9.64 -35.56 -10.09
CA VAL B 374 -10.75 -36.50 -10.29
C VAL B 374 -10.53 -37.75 -9.43
N ASP B 375 -9.34 -38.33 -9.52
CA ASP B 375 -9.06 -39.56 -8.78
C ASP B 375 -9.13 -39.33 -7.27
N GLY B 376 -8.51 -38.23 -6.80
CA GLY B 376 -8.52 -37.97 -5.38
C GLY B 376 -9.92 -37.71 -4.85
N VAL B 377 -10.75 -37.03 -5.63
CA VAL B 377 -12.12 -36.76 -5.20
C VAL B 377 -12.93 -38.05 -5.18
N LYS B 378 -12.69 -38.95 -6.14
CA LYS B 378 -13.35 -40.25 -6.07
C LYS B 378 -12.94 -41.00 -4.80
N LEU B 379 -11.64 -40.98 -4.48
CA LEU B 379 -11.17 -41.64 -3.26
C LEU B 379 -11.78 -41.00 -2.01
N LEU B 380 -11.87 -39.67 -1.99
CA LEU B 380 -12.45 -38.97 -0.85
C LEU B 380 -13.93 -39.31 -0.70
N ILE B 381 -14.66 -39.36 -1.81
CA ILE B 381 -16.07 -39.73 -1.75
C ILE B 381 -16.23 -41.15 -1.20
N GLU B 382 -15.38 -42.07 -1.67
CA GLU B 382 -15.39 -43.41 -1.08
C GLU B 382 -15.17 -43.35 0.43
N MET B 383 -14.01 -42.84 0.85
CA MET B 383 -13.70 -42.69 2.26
C MET B 383 -14.89 -42.15 3.05
N GLU B 384 -15.51 -41.08 2.56
CA GLU B 384 -16.64 -40.48 3.26
C GLU B 384 -17.80 -41.46 3.37
N GLN B 385 -18.13 -42.14 2.27
CA GLN B 385 -19.26 -43.08 2.30
C GLN B 385 -19.00 -44.22 3.27
N ARG B 386 -17.80 -44.81 3.22
CA ARG B 386 -17.44 -45.86 4.16
C ARG B 386 -17.51 -45.34 5.60
N LEU B 387 -17.14 -44.07 5.81
CA LEU B 387 -17.26 -43.47 7.14
C LEU B 387 -18.71 -43.33 7.56
N GLU B 388 -19.62 -43.09 6.60
CA GLU B 388 -21.04 -42.99 6.93
C GLU B 388 -21.58 -44.32 7.41
N GLN B 389 -21.41 -45.38 6.62
CA GLN B 389 -21.93 -46.69 6.97
C GLN B 389 -21.20 -47.28 8.17
N GLY B 390 -20.16 -46.60 8.67
CA GLY B 390 -19.41 -47.00 9.85
C GLY B 390 -18.08 -47.66 9.57
N GLN B 391 -17.99 -48.41 8.47
CA GLN B 391 -16.76 -49.15 8.19
C GLN B 391 -15.57 -48.20 8.10
N ALA B 392 -14.43 -48.65 8.61
CA ALA B 392 -13.23 -47.82 8.64
C ALA B 392 -12.69 -47.62 7.23
N ILE B 393 -11.81 -46.62 7.10
CA ILE B 393 -11.22 -46.29 5.81
C ILE B 393 -9.70 -46.31 5.92
N ASP B 394 -9.18 -46.93 6.99
CA ASP B 394 -7.73 -47.04 7.18
C ASP B 394 -7.07 -47.99 6.18
N ASP B 395 -7.83 -48.57 5.26
CA ASP B 395 -7.30 -49.44 4.21
C ASP B 395 -7.15 -48.70 2.88
N LEU B 396 -8.17 -47.96 2.47
CA LEU B 396 -8.11 -47.19 1.23
C LEU B 396 -7.13 -46.03 1.30
N MET B 397 -6.41 -45.87 2.41
CA MET B 397 -5.39 -44.84 2.51
C MET B 397 -4.46 -44.95 1.31
N PRO B 398 -4.49 -43.98 0.41
CA PRO B 398 -3.70 -44.10 -0.83
C PRO B 398 -2.21 -43.92 -0.57
N ALA B 399 -1.41 -44.40 -1.51
CA ALA B 399 0.04 -44.26 -1.46
C ALA B 399 0.44 -42.90 -2.03
N GLN B 400 1.48 -42.30 -1.44
CA GLN B 400 1.94 -40.98 -1.85
C GLN B 400 2.12 -40.90 -3.37
N LYS B 401 1.35 -40.03 -4.00
CA LYS B 401 1.40 -39.84 -5.45
C LYS B 401 2.58 -38.97 -5.84
#